data_8J5D
#
_entry.id   8J5D
#
_cell.length_a   1.00
_cell.length_b   1.00
_cell.length_c   1.00
_cell.angle_alpha   90.00
_cell.angle_beta   90.00
_cell.angle_gamma   90.00
#
_symmetry.space_group_name_H-M   'P 1'
#
loop_
_entity.id
_entity.type
_entity.pdbx_description
1 polymer 'Beta-amylase 1, chloroplastic'
2 polymer 'Malate dehydrogenase, chloroplastic'
3 polymer 'Phosphoglucan phosphatase LSF1, chloroplastic'
#
loop_
_entity_poly.entity_id
_entity_poly.type
_entity_poly.pdbx_seq_one_letter_code
_entity_poly.pdbx_strand_id
1 'polypeptide(L)'
;MGSSHHHHHHSSGLVPRGSHSDEVDAHMGVPVFVMMPLDSVTMGNTVNRRKAMKASLQALKSAGVEGIMIDVWWGLVEKE
SPGTYNWGGYNELLELAKKLGLKVQAVMSFHQCGGNVGDSVTIPLPQWVVEEVDKDPDLAYTDQWGRRNHEYISLGADTL
PVLKGRTPVQCYADFMRAFRDNFKHLLGETIVEIQVGMGPAGELRYPSYPEQEGTWKFPGIGAFQCYDKYSLSSLKAAAE
TYGKPEWGSTGPTDAGHYNNWPEDTQFFKKEGGGWNSEYGDFFLSWYSQMLLDHGERILSSAKSIFENMGVKISVKIAGI
HWHYGTRSHAPELTAGYYNTRFRDGYLPIAQMLARHNAIFNFTCIEMRDHEQPQDALCAPEKLVNQVALATLAAEVPLAG
ENALPRYDDYAHEQILKASALNLDQNNEGEPREMCAFTYLRMNPELFQADNWGKFVAFVKKMGEGRDSHRCREEVEREAE
HFVHVTQPLVQEAAVALTH
;
A
2 'polypeptide(L)'
;ASYKVAVLGAAGGIGQPLSLLIKMSPLVSTLHLYDIANVKGVAADLSHCNTPSQVRDFTGPSELADCLKDVNVVVIPAGV
PRKPGMTRDDLFNINANIVKTLVEAVAENCPNAFIHIISNPVNSTVPIAAEVLKKKGVYDPKKLFGVTTLDVVRANTFVS
QKKNLKLIDVDVPVIGGHAGITILPLLSKTKPSVNFTDEEIQELTVRIQNAGTEVVDAKAGAGSATLSMAYAAARFVESS
LRALDGDGDVYECSFVESTLTDLPFFASRVKIGKNGLEAVIESDLQGLTEYEQKALEALKVELKASIDKGVAFANKPAAA
AAN
;
B,C
3 'polypeptide(L)'
;KMNLNEYMVTLEKPLGIRFALSADGKIFVHAIKKGSNAEKARIIMVGDTLKKASDSSGGTLVEIKDFGDTKKMLVEKTGS
FSLVLERPFSPFPIQYLLHLSDLDLLYNRGRVSFVTWNKNLLSSNLRASSQGSGNSGYAAFSSKFFTPQGWKLLNRQSNS
FQSGTKKNILSPPISPLVSVFSEDVPGDGEWGYGNFPLEEYIKALDRSKGELSYNHALGMRYSKITEQIYVGSCIQTEED
VENLSEAGITAILNFQGGTEAQNWGIDSQSINDACQKSEVLMINYPIKDADSFDLRKKLPLCVGLLLRLLKKNHRVFVTC
TTGFDRSSACVIAYLHWMTDTSLHAAYSFVTGLHACKPDRPAIAWATWDLIAMVDDGKHDGTPTHSVTFVWNGHEGEEVL
LVGDFTGNWKEPIKATHKGGPRFETEVRLTQGKYYYKYIINGDWRHSATSPTERDDRGNTNNIIVVGDVANVRPTIQQPR
KDANIIKVIERVLTESERFRLAKAARCIAFSVCPIRLCPKSLEHHHHHH
;
D
#
# COMPACT_ATOMS: atom_id res chain seq x y z
N VAL A 30 -55.84 -3.85 18.42
CA VAL A 30 -54.41 -4.07 18.57
C VAL A 30 -54.15 -5.54 18.90
N PRO A 31 -53.25 -6.17 18.15
CA PRO A 31 -52.91 -7.57 18.41
C PRO A 31 -52.35 -7.75 19.82
N VAL A 32 -52.71 -8.88 20.43
CA VAL A 32 -52.31 -9.20 21.80
C VAL A 32 -51.45 -10.45 21.76
N PHE A 33 -50.29 -10.40 22.42
CA PHE A 33 -49.36 -11.52 22.46
C PHE A 33 -49.00 -11.83 23.90
N VAL A 34 -48.90 -13.13 24.20
CA VAL A 34 -48.56 -13.61 25.53
C VAL A 34 -47.25 -14.39 25.45
N MET A 35 -46.42 -14.27 26.49
CA MET A 35 -45.11 -14.91 26.48
C MET A 35 -45.11 -16.23 27.25
N MET A 36 -44.52 -17.29 26.62
CA MET A 36 -44.23 -18.58 27.21
C MET A 36 -43.26 -18.42 28.37
N PRO A 37 -43.45 -19.14 29.50
CA PRO A 37 -42.50 -19.02 30.61
C PRO A 37 -41.09 -19.41 30.22
N LEU A 38 -40.15 -19.19 31.12
CA LEU A 38 -38.76 -19.55 30.87
C LEU A 38 -38.55 -21.06 30.81
N ASP A 39 -39.53 -21.84 31.28
CA ASP A 39 -39.52 -23.30 31.18
C ASP A 39 -40.29 -23.82 29.98
N SER A 40 -40.31 -23.08 28.88
CA SER A 40 -40.98 -23.58 27.69
C SER A 40 -40.24 -24.78 27.10
N VAL A 41 -38.93 -24.86 27.31
CA VAL A 41 -38.11 -25.98 26.87
C VAL A 41 -37.12 -26.32 27.98
N THR A 42 -36.99 -27.62 28.27
CA THR A 42 -36.09 -28.06 29.32
C THR A 42 -34.63 -27.91 28.89
N MET A 43 -33.72 -28.36 29.75
CA MET A 43 -32.30 -28.39 29.39
C MET A 43 -32.07 -29.27 28.18
N GLY A 44 -32.70 -30.44 28.15
CA GLY A 44 -32.79 -31.20 26.92
C GLY A 44 -33.80 -30.59 25.97
N ASN A 45 -33.62 -30.84 24.68
CA ASN A 45 -34.46 -30.23 23.65
C ASN A 45 -35.83 -30.93 23.58
N THR A 46 -36.54 -30.89 24.71
CA THR A 46 -37.87 -31.46 24.82
C THR A 46 -38.81 -30.45 25.44
N VAL A 47 -40.08 -30.53 25.05
CA VAL A 47 -41.09 -29.62 25.58
C VAL A 47 -41.38 -29.97 27.03
N ASN A 48 -41.38 -28.96 27.90
CA ASN A 48 -41.71 -29.14 29.31
C ASN A 48 -43.21 -29.05 29.50
N ARG A 49 -43.76 -29.96 30.29
CA ARG A 49 -45.16 -29.97 30.71
C ARG A 49 -46.10 -29.79 29.50
N ARG A 50 -46.00 -30.75 28.58
CA ARG A 50 -46.65 -30.63 27.28
C ARG A 50 -48.18 -30.54 27.42
N LYS A 51 -48.76 -31.35 28.30
CA LYS A 51 -50.20 -31.26 28.54
C LYS A 51 -50.57 -29.92 29.17
N ALA A 52 -49.71 -29.40 30.06
CA ALA A 52 -49.95 -28.09 30.63
C ALA A 52 -49.94 -27.02 29.55
N MET A 53 -49.05 -27.15 28.57
CA MET A 53 -48.99 -26.18 27.49
C MET A 53 -50.22 -26.27 26.58
N LYS A 54 -50.72 -27.49 26.33
CA LYS A 54 -52.05 -27.63 25.75
C LYS A 54 -53.12 -26.88 26.53
N ALA A 55 -53.18 -27.07 27.84
CA ALA A 55 -54.20 -26.36 28.62
C ALA A 55 -54.04 -24.85 28.44
N SER A 56 -52.82 -24.36 28.59
CA SER A 56 -52.57 -22.92 28.53
C SER A 56 -52.94 -22.36 27.16
N LEU A 57 -52.48 -23.01 26.09
CA LEU A 57 -52.68 -22.48 24.75
C LEU A 57 -54.13 -22.60 24.31
N GLN A 58 -54.82 -23.66 24.70
CA GLN A 58 -56.24 -23.78 24.41
C GLN A 58 -57.02 -22.67 25.08
N ALA A 59 -56.72 -22.39 26.36
CA ALA A 59 -57.34 -21.23 27.00
C ALA A 59 -56.98 -19.93 26.28
N LEU A 60 -55.72 -19.79 25.85
CA LEU A 60 -55.29 -18.55 25.21
C LEU A 60 -56.01 -18.30 23.89
N LYS A 61 -56.13 -19.31 23.02
CA LYS A 61 -56.78 -19.02 21.75
C LYS A 61 -58.29 -18.98 21.91
N SER A 62 -58.85 -19.66 22.92
CA SER A 62 -60.26 -19.46 23.24
C SER A 62 -60.50 -18.04 23.75
N ALA A 63 -59.49 -17.42 24.35
CA ALA A 63 -59.59 -16.04 24.80
C ALA A 63 -59.46 -15.04 23.67
N GLY A 64 -59.13 -15.48 22.46
CA GLY A 64 -58.97 -14.58 21.34
C GLY A 64 -57.63 -13.89 21.24
N VAL A 65 -56.63 -14.36 21.99
CA VAL A 65 -55.30 -13.75 21.94
C VAL A 65 -54.72 -13.91 20.55
N GLU A 66 -54.13 -12.83 20.03
CA GLU A 66 -53.60 -12.85 18.68
C GLU A 66 -52.43 -13.81 18.54
N GLY A 67 -51.53 -13.85 19.52
CA GLY A 67 -50.34 -14.66 19.37
C GLY A 67 -49.50 -14.76 20.63
N ILE A 68 -48.31 -15.32 20.46
CA ILE A 68 -47.48 -15.77 21.57
C ILE A 68 -46.01 -15.57 21.21
N MET A 69 -45.19 -15.34 22.24
CA MET A 69 -43.79 -14.97 22.10
C MET A 69 -42.92 -16.02 22.77
N ILE A 70 -41.94 -16.54 22.04
CA ILE A 70 -41.15 -17.69 22.46
C ILE A 70 -39.67 -17.35 22.36
N ASP A 71 -38.92 -17.70 23.41
CA ASP A 71 -37.47 -17.46 23.46
C ASP A 71 -36.74 -18.64 22.81
N VAL A 72 -36.20 -18.41 21.61
CA VAL A 72 -35.34 -19.39 20.95
C VAL A 72 -33.95 -19.20 21.54
N TRP A 73 -33.59 -20.06 22.48
CA TRP A 73 -32.37 -19.88 23.26
C TRP A 73 -31.15 -20.35 22.50
N TRP A 74 -30.02 -19.67 22.72
CA TRP A 74 -28.77 -20.05 22.09
C TRP A 74 -28.17 -21.30 22.74
N GLY A 75 -28.21 -21.38 24.07
CA GLY A 75 -27.64 -22.48 24.82
C GLY A 75 -28.48 -23.75 24.85
N LEU A 76 -29.67 -23.73 24.27
CA LEU A 76 -30.47 -24.94 24.13
C LEU A 76 -30.57 -25.41 22.69
N VAL A 77 -29.95 -24.71 21.74
CA VAL A 77 -29.91 -25.12 20.36
C VAL A 77 -28.48 -25.40 19.89
N GLU A 78 -27.53 -24.57 20.31
CA GLU A 78 -26.12 -24.74 19.96
C GLU A 78 -25.30 -25.05 21.21
N LYS A 79 -25.84 -25.94 22.06
CA LYS A 79 -25.33 -26.10 23.43
C LYS A 79 -23.88 -26.58 23.44
N GLU A 80 -23.55 -27.59 22.64
CA GLU A 80 -22.26 -28.24 22.74
C GLU A 80 -21.46 -28.29 21.45
N SER A 81 -22.08 -28.09 20.29
CA SER A 81 -21.37 -28.16 19.02
C SER A 81 -21.54 -26.84 18.26
N PRO A 82 -20.43 -26.18 17.88
CA PRO A 82 -20.54 -24.90 17.17
C PRO A 82 -21.23 -24.98 15.82
N GLY A 83 -21.58 -26.18 15.38
CA GLY A 83 -22.26 -26.32 14.11
C GLY A 83 -23.60 -27.04 14.21
N THR A 84 -23.76 -27.88 15.22
CA THR A 84 -24.98 -28.67 15.35
C THR A 84 -26.05 -27.85 16.06
N TYR A 85 -27.22 -27.74 15.43
CA TYR A 85 -28.34 -26.94 15.94
C TYR A 85 -29.49 -27.89 16.22
N ASN A 86 -29.70 -28.21 17.50
CA ASN A 86 -30.77 -29.11 17.91
C ASN A 86 -32.08 -28.32 18.00
N TRP A 87 -33.09 -28.78 17.26
CA TRP A 87 -34.38 -28.11 17.21
C TRP A 87 -35.53 -29.02 17.62
N GLY A 88 -35.32 -30.01 18.48
CA GLY A 88 -36.38 -30.95 18.81
C GLY A 88 -37.56 -30.33 19.53
N GLY A 89 -37.32 -29.88 20.76
CA GLY A 89 -38.39 -29.29 21.55
C GLY A 89 -38.96 -28.04 20.89
N TYR A 90 -38.10 -27.22 20.30
CA TYR A 90 -38.58 -26.01 19.62
C TYR A 90 -39.43 -26.35 18.40
N ASN A 91 -39.03 -27.37 17.63
CA ASN A 91 -39.84 -27.79 16.50
C ASN A 91 -41.20 -28.26 16.96
N GLU A 92 -41.22 -29.09 18.00
CA GLU A 92 -42.50 -29.53 18.56
C GLU A 92 -43.34 -28.33 18.99
N LEU A 93 -42.74 -27.38 19.71
CA LEU A 93 -43.48 -26.25 20.25
C LEU A 93 -44.06 -25.38 19.15
N LEU A 94 -43.25 -25.03 18.15
CA LEU A 94 -43.73 -24.12 17.11
C LEU A 94 -44.71 -24.80 16.16
N GLU A 95 -44.47 -26.06 15.79
CA GLU A 95 -45.49 -26.78 15.01
C GLU A 95 -46.78 -26.90 15.82
N LEU A 96 -46.66 -27.05 17.13
CA LEU A 96 -47.82 -27.19 18.01
C LEU A 96 -48.61 -25.88 18.08
N ALA A 97 -47.89 -24.76 18.21
CA ALA A 97 -48.53 -23.46 18.19
C ALA A 97 -49.19 -23.19 16.85
N LYS A 98 -48.57 -23.66 15.76
CA LYS A 98 -49.23 -23.60 14.46
C LYS A 98 -50.51 -24.42 14.45
N LYS A 99 -50.49 -25.61 15.06
CA LYS A 99 -51.70 -26.43 15.09
C LYS A 99 -52.82 -25.74 15.84
N LEU A 100 -52.50 -24.99 16.90
CA LEU A 100 -53.54 -24.23 17.60
C LEU A 100 -53.76 -22.85 17.02
N GLY A 101 -53.19 -22.54 15.87
CA GLY A 101 -53.49 -21.29 15.18
C GLY A 101 -53.09 -20.03 15.93
N LEU A 102 -51.92 -20.02 16.54
CA LEU A 102 -51.41 -18.85 17.26
C LEU A 102 -50.11 -18.40 16.61
N LYS A 103 -50.02 -17.11 16.32
CA LYS A 103 -48.80 -16.56 15.74
C LYS A 103 -47.64 -16.66 16.72
N VAL A 104 -46.44 -16.80 16.19
CA VAL A 104 -45.24 -16.99 17.00
C VAL A 104 -44.30 -15.81 16.77
N GLN A 105 -43.86 -15.20 17.86
CA GLN A 105 -42.86 -14.14 17.86
C GLN A 105 -41.59 -14.76 18.44
N ALA A 106 -40.64 -15.08 17.56
CA ALA A 106 -39.43 -15.72 18.00
C ALA A 106 -38.41 -14.69 18.45
N VAL A 107 -37.88 -14.86 19.66
CA VAL A 107 -36.89 -13.97 20.22
C VAL A 107 -35.57 -14.69 20.23
N MET A 108 -34.61 -14.21 19.45
CA MET A 108 -33.34 -14.89 19.23
C MET A 108 -32.46 -14.65 20.44
N SER A 109 -32.70 -15.43 21.49
CA SER A 109 -32.09 -15.17 22.79
C SER A 109 -30.63 -15.62 22.76
N PHE A 110 -29.72 -14.67 22.63
CA PHE A 110 -28.29 -14.93 22.70
C PHE A 110 -27.72 -14.58 24.07
N HIS A 111 -28.53 -14.68 25.12
CA HIS A 111 -28.13 -14.26 26.45
C HIS A 111 -28.34 -15.38 27.45
N GLN A 112 -27.56 -15.34 28.52
CA GLN A 112 -27.69 -16.24 29.65
C GLN A 112 -28.75 -15.71 30.61
N CYS A 113 -29.40 -16.62 31.34
CA CYS A 113 -30.34 -16.23 32.38
C CYS A 113 -30.15 -17.17 33.56
N GLY A 114 -31.03 -17.06 34.54
CA GLY A 114 -31.07 -18.01 35.64
C GLY A 114 -30.74 -17.36 36.98
N GLY A 115 -29.94 -18.06 37.79
CA GLY A 115 -29.70 -17.64 39.16
C GLY A 115 -28.99 -16.31 39.29
N ASN A 116 -29.73 -15.29 39.70
CA ASN A 116 -29.17 -13.97 39.99
C ASN A 116 -29.41 -13.58 41.45
N VAL A 117 -30.64 -13.69 41.92
CA VAL A 117 -30.98 -13.53 43.33
C VAL A 117 -31.71 -14.75 43.86
N GLY A 118 -32.81 -15.13 43.22
CA GLY A 118 -33.50 -16.38 43.50
C GLY A 118 -32.96 -17.49 42.64
N ASP A 119 -33.79 -18.53 42.46
CA ASP A 119 -33.42 -19.68 41.64
C ASP A 119 -33.98 -19.56 40.22
N SER A 120 -35.30 -19.44 40.10
CA SER A 120 -35.99 -19.53 38.82
C SER A 120 -35.49 -20.73 38.03
N VAL A 121 -35.09 -20.53 36.78
CA VAL A 121 -34.52 -21.57 35.94
C VAL A 121 -33.39 -20.97 35.12
N THR A 122 -32.34 -21.76 34.90
CA THR A 122 -31.11 -21.26 34.27
C THR A 122 -30.94 -21.87 32.89
N ILE A 123 -30.71 -21.01 31.90
CA ILE A 123 -30.36 -21.45 30.54
C ILE A 123 -29.04 -20.79 30.17
N PRO A 124 -27.91 -21.42 30.45
CA PRO A 124 -26.61 -20.78 30.23
C PRO A 124 -26.28 -20.65 28.75
N LEU A 125 -25.21 -19.92 28.48
CA LEU A 125 -24.64 -19.86 27.15
C LEU A 125 -24.04 -21.22 26.79
N PRO A 126 -23.84 -21.48 25.50
CA PRO A 126 -23.21 -22.74 25.09
C PRO A 126 -21.86 -22.94 25.77
N GLN A 127 -21.55 -24.21 26.05
CA GLN A 127 -20.37 -24.51 26.86
C GLN A 127 -19.09 -24.09 26.15
N TRP A 128 -19.03 -24.26 24.83
CA TRP A 128 -17.85 -23.80 24.10
C TRP A 128 -17.71 -22.28 24.17
N VAL A 129 -18.83 -21.57 24.11
CA VAL A 129 -18.80 -20.11 24.26
C VAL A 129 -18.29 -19.73 25.65
N VAL A 130 -18.76 -20.44 26.67
CA VAL A 130 -18.31 -20.16 28.03
C VAL A 130 -16.83 -20.46 28.17
N GLU A 131 -16.35 -21.53 27.53
CA GLU A 131 -14.93 -21.84 27.56
C GLU A 131 -14.11 -20.75 26.89
N GLU A 132 -14.60 -20.23 25.77
CA GLU A 132 -13.93 -19.11 25.11
C GLU A 132 -13.88 -17.90 26.01
N VAL A 133 -14.97 -17.62 26.72
CA VAL A 133 -15.00 -16.48 27.64
C VAL A 133 -14.02 -16.68 28.79
N ASP A 134 -13.89 -17.92 29.28
CA ASP A 134 -12.94 -18.18 30.35
C ASP A 134 -11.49 -18.03 29.89
N LYS A 135 -11.16 -18.56 28.71
CA LYS A 135 -9.78 -18.43 28.25
C LYS A 135 -9.44 -16.98 27.91
N ASP A 136 -10.40 -16.25 27.33
CA ASP A 136 -10.23 -14.81 27.08
C ASP A 136 -11.32 -14.05 27.84
N PRO A 137 -11.01 -13.49 29.01
CA PRO A 137 -12.07 -12.90 29.83
C PRO A 137 -12.68 -11.64 29.25
N ASP A 138 -11.98 -10.96 28.34
CA ASP A 138 -12.47 -9.70 27.79
C ASP A 138 -13.52 -9.89 26.71
N LEU A 139 -14.10 -11.09 26.59
CA LEU A 139 -15.20 -11.34 25.69
C LEU A 139 -16.55 -11.03 26.32
N ALA A 140 -16.57 -10.58 27.56
CA ALA A 140 -17.80 -10.27 28.27
C ALA A 140 -17.73 -8.83 28.77
N TYR A 141 -18.91 -8.23 28.93
CA TYR A 141 -18.99 -6.83 29.33
C TYR A 141 -18.31 -6.62 30.68
N THR A 142 -17.48 -5.58 30.77
CA THR A 142 -16.71 -5.30 31.96
C THR A 142 -17.02 -3.89 32.46
N ASP A 143 -17.13 -3.76 33.77
CA ASP A 143 -17.40 -2.47 34.40
C ASP A 143 -16.09 -1.79 34.79
N GLN A 144 -16.21 -0.67 35.51
CA GLN A 144 -15.02 0.08 35.92
C GLN A 144 -14.12 -0.75 36.84
N TRP A 145 -14.73 -1.49 37.76
CA TRP A 145 -13.99 -2.22 38.78
C TRP A 145 -13.59 -3.63 38.36
N GLY A 146 -13.84 -3.99 37.10
CA GLY A 146 -13.39 -5.26 36.57
C GLY A 146 -14.39 -6.39 36.62
N ARG A 147 -15.55 -6.20 37.25
CA ARG A 147 -16.56 -7.25 37.29
C ARG A 147 -17.03 -7.55 35.86
N ARG A 148 -17.07 -8.83 35.52
CA ARG A 148 -17.39 -9.27 34.18
C ARG A 148 -18.76 -9.93 34.17
N ASN A 149 -19.60 -9.52 33.24
CA ASN A 149 -20.98 -10.00 33.15
C ASN A 149 -21.05 -11.06 32.06
N HIS A 150 -21.36 -12.29 32.46
CA HIS A 150 -21.38 -13.42 31.54
C HIS A 150 -22.74 -13.62 30.88
N GLU A 151 -23.68 -12.72 31.11
CA GLU A 151 -25.01 -12.80 30.48
C GLU A 151 -24.95 -12.68 28.97
N TYR A 152 -23.89 -12.09 28.43
CA TYR A 152 -23.84 -11.77 27.00
C TYR A 152 -22.39 -11.56 26.59
N ILE A 153 -22.15 -11.66 25.28
CA ILE A 153 -20.82 -11.47 24.72
C ILE A 153 -20.66 -10.00 24.32
N SER A 154 -19.54 -9.41 24.72
CA SER A 154 -19.34 -7.98 24.57
C SER A 154 -19.37 -7.56 23.11
N LEU A 155 -19.49 -6.25 22.89
CA LEU A 155 -19.40 -5.66 21.57
C LEU A 155 -18.01 -5.12 21.26
N GLY A 156 -17.09 -5.16 22.21
CA GLY A 156 -15.69 -4.87 21.88
C GLY A 156 -15.08 -5.92 20.99
N ALA A 157 -15.43 -7.18 21.22
CA ALA A 157 -15.04 -8.29 20.35
C ALA A 157 -16.15 -8.66 19.38
N ASP A 158 -16.88 -7.65 18.90
CA ASP A 158 -18.13 -7.92 18.18
C ASP A 158 -17.84 -8.49 16.80
N THR A 159 -16.75 -8.03 16.16
CA THR A 159 -16.35 -8.51 14.84
C THR A 159 -15.03 -9.27 14.86
N LEU A 160 -14.61 -9.75 16.03
CA LEU A 160 -13.36 -10.50 16.08
C LEU A 160 -13.62 -12.00 16.09
N PRO A 161 -12.81 -12.79 15.38
CA PRO A 161 -13.04 -14.25 15.29
C PRO A 161 -12.64 -14.96 16.57
N VAL A 162 -13.47 -14.83 17.60
CA VAL A 162 -13.13 -15.30 18.94
C VAL A 162 -13.94 -16.51 19.37
N LEU A 163 -14.96 -16.90 18.63
CA LEU A 163 -15.82 -18.02 19.00
C LEU A 163 -15.57 -19.16 18.02
N LYS A 164 -14.56 -19.98 18.32
CA LYS A 164 -14.18 -21.13 17.50
C LYS A 164 -13.95 -20.72 16.05
N GLY A 165 -13.20 -19.63 15.87
CA GLY A 165 -12.90 -19.13 14.56
C GLY A 165 -13.98 -18.27 13.93
N ARG A 166 -15.04 -17.98 14.66
CA ARG A 166 -16.13 -17.14 14.15
C ARG A 166 -16.28 -15.91 15.02
N THR A 167 -16.66 -14.80 14.40
CA THR A 167 -17.01 -13.59 15.11
C THR A 167 -18.41 -13.75 15.72
N PRO A 168 -18.71 -12.99 16.77
CA PRO A 168 -20.07 -13.05 17.34
C PRO A 168 -21.17 -12.72 16.33
N VAL A 169 -20.93 -11.79 15.41
CA VAL A 169 -21.90 -11.56 14.34
C VAL A 169 -22.08 -12.83 13.54
N GLN A 170 -20.98 -13.53 13.25
CA GLN A 170 -21.07 -14.76 12.47
C GLN A 170 -21.84 -15.83 13.22
N CYS A 171 -21.63 -15.94 14.54
CA CYS A 171 -22.38 -16.91 15.34
C CYS A 171 -23.87 -16.60 15.33
N TYR A 172 -24.23 -15.34 15.58
CA TYR A 172 -25.64 -14.97 15.60
C TYR A 172 -26.27 -15.15 14.22
N ALA A 173 -25.54 -14.81 13.17
CA ALA A 173 -26.06 -14.97 11.81
C ALA A 173 -26.24 -16.43 11.47
N ASP A 174 -25.30 -17.30 11.89
CA ASP A 174 -25.47 -18.73 11.66
C ASP A 174 -26.66 -19.28 12.41
N PHE A 175 -26.87 -18.82 13.65
CA PHE A 175 -28.04 -19.24 14.40
C PHE A 175 -29.33 -18.82 13.70
N MET A 176 -29.38 -17.57 13.21
CA MET A 176 -30.56 -17.11 12.50
C MET A 176 -30.76 -17.88 11.19
N ARG A 177 -29.66 -18.20 10.49
CA ARG A 177 -29.76 -18.98 9.26
C ARG A 177 -30.30 -20.38 9.53
N ALA A 178 -29.83 -21.02 10.61
CA ALA A 178 -30.34 -22.33 10.98
C ALA A 178 -31.83 -22.25 11.33
N PHE A 179 -32.21 -21.22 12.09
CA PHE A 179 -33.62 -21.05 12.43
C PHE A 179 -34.47 -20.87 11.17
N ARG A 180 -34.00 -20.03 10.25
CA ARG A 180 -34.74 -19.80 9.01
C ARG A 180 -34.85 -21.07 8.18
N ASP A 181 -33.76 -21.83 8.08
CA ASP A 181 -33.78 -23.06 7.29
C ASP A 181 -34.72 -24.09 7.90
N ASN A 182 -34.70 -24.22 9.22
CA ASN A 182 -35.56 -25.22 9.87
C ASN A 182 -37.03 -24.81 9.80
N PHE A 183 -37.33 -23.55 10.12
CA PHE A 183 -38.70 -23.07 10.21
C PHE A 183 -39.13 -22.32 8.95
N LYS A 184 -38.58 -22.67 7.80
CA LYS A 184 -38.95 -21.98 6.56
C LYS A 184 -40.42 -22.19 6.23
N HIS A 185 -40.95 -23.38 6.52
CA HIS A 185 -42.37 -23.64 6.28
C HIS A 185 -43.27 -22.85 7.22
N LEU A 186 -42.71 -22.26 8.27
CA LEU A 186 -43.49 -21.48 9.23
C LEU A 186 -43.41 -19.97 9.00
N LEU A 187 -42.30 -19.47 8.45
CA LEU A 187 -42.15 -18.04 8.22
C LEU A 187 -43.23 -17.55 7.26
N GLY A 188 -43.86 -16.43 7.62
CA GLY A 188 -44.92 -15.86 6.82
C GLY A 188 -46.28 -16.49 7.00
N GLU A 189 -46.38 -17.60 7.72
CA GLU A 189 -47.64 -18.29 7.95
C GLU A 189 -47.99 -18.37 9.43
N THR A 190 -47.05 -18.77 10.27
CA THR A 190 -47.24 -18.81 11.71
C THR A 190 -46.31 -17.86 12.45
N ILE A 191 -45.03 -17.88 12.13
CA ILE A 191 -44.09 -16.92 12.72
C ILE A 191 -44.24 -15.59 11.98
N VAL A 192 -44.53 -14.53 12.74
CA VAL A 192 -44.80 -13.23 12.15
C VAL A 192 -43.87 -12.15 12.67
N GLU A 193 -43.03 -12.43 13.67
CA GLU A 193 -42.12 -11.43 14.21
C GLU A 193 -40.89 -12.13 14.76
N ILE A 194 -39.74 -11.53 14.52
CA ILE A 194 -38.47 -12.01 15.07
C ILE A 194 -37.88 -10.85 15.85
N GLN A 195 -37.95 -10.93 17.17
CA GLN A 195 -37.20 -10.02 18.01
C GLN A 195 -35.76 -10.50 18.08
N VAL A 196 -34.82 -9.59 17.90
CA VAL A 196 -33.41 -9.93 17.89
C VAL A 196 -32.83 -9.66 19.27
N GLY A 197 -32.21 -10.68 19.86
CA GLY A 197 -31.53 -10.51 21.12
C GLY A 197 -30.19 -9.84 20.91
N MET A 198 -30.06 -8.59 21.37
CA MET A 198 -28.87 -7.80 21.09
C MET A 198 -28.19 -7.34 22.38
N GLY A 199 -28.52 -7.97 23.50
CA GLY A 199 -27.94 -7.64 24.78
C GLY A 199 -28.61 -8.41 25.88
N PRO A 200 -28.28 -8.08 27.12
CA PRO A 200 -28.90 -8.77 28.26
C PRO A 200 -30.42 -8.64 28.23
N ALA A 201 -31.08 -9.71 28.65
CA ALA A 201 -32.55 -9.81 28.61
C ALA A 201 -33.11 -9.57 27.22
N GLY A 202 -32.30 -9.72 26.18
CA GLY A 202 -32.73 -9.47 24.82
C GLY A 202 -32.89 -8.01 24.47
N GLU A 203 -32.37 -7.10 25.29
CA GLU A 203 -32.54 -5.67 25.11
C GLU A 203 -31.24 -5.06 24.61
N LEU A 204 -31.35 -4.19 23.60
CA LEU A 204 -30.18 -3.49 23.10
C LEU A 204 -29.72 -2.48 24.13
N ARG A 205 -28.78 -2.89 24.99
CA ARG A 205 -28.34 -2.06 26.10
C ARG A 205 -27.05 -2.66 26.65
N TYR A 206 -26.49 -2.00 27.59
CA TYR A 206 -25.37 -2.54 28.33
C TYR A 206 -25.87 -3.19 29.62
N PRO A 207 -25.17 -4.19 30.15
CA PRO A 207 -25.61 -4.81 31.42
C PRO A 207 -25.29 -3.93 32.62
N SER A 208 -25.98 -2.81 32.71
CA SER A 208 -25.78 -1.85 33.80
C SER A 208 -26.57 -2.20 35.04
N TYR A 209 -27.34 -3.29 35.04
CA TYR A 209 -28.11 -3.75 36.18
C TYR A 209 -27.68 -5.17 36.51
N PRO A 210 -26.54 -5.34 37.18
CA PRO A 210 -26.15 -6.69 37.62
C PRO A 210 -26.82 -7.07 38.94
N GLU A 211 -28.08 -7.53 38.83
CA GLU A 211 -28.79 -8.02 40.01
C GLU A 211 -28.14 -9.28 40.59
N GLN A 212 -27.26 -9.93 39.84
CA GLN A 212 -26.53 -11.09 40.36
C GLN A 212 -25.76 -10.70 41.61
N GLU A 213 -25.80 -11.57 42.61
CA GLU A 213 -25.17 -11.35 43.91
C GLU A 213 -25.63 -10.05 44.57
N GLY A 214 -26.74 -9.49 44.09
CA GLY A 214 -27.18 -8.19 44.58
C GLY A 214 -26.20 -7.07 44.31
N THR A 215 -25.48 -7.12 43.18
CA THR A 215 -24.54 -6.05 42.87
C THR A 215 -25.26 -4.75 42.60
N TRP A 216 -26.47 -4.81 42.05
CA TRP A 216 -27.31 -3.64 41.83
C TRP A 216 -28.72 -3.93 42.34
N LYS A 217 -29.30 -2.97 43.04
CA LYS A 217 -30.66 -3.08 43.56
C LYS A 217 -31.43 -1.81 43.26
N PHE A 218 -32.68 -1.96 42.85
CA PHE A 218 -33.51 -0.82 42.52
C PHE A 218 -33.80 0.00 43.78
N PRO A 219 -33.73 1.34 43.71
CA PRO A 219 -33.36 2.15 42.55
C PRO A 219 -31.84 2.29 42.41
N GLY A 220 -31.35 2.65 41.23
CA GLY A 220 -29.93 2.80 41.02
C GLY A 220 -29.66 3.40 39.66
N ILE A 221 -28.38 3.62 39.39
CA ILE A 221 -27.97 4.24 38.14
C ILE A 221 -27.17 3.30 37.25
N GLY A 222 -26.48 2.32 37.81
CA GLY A 222 -25.66 1.42 37.02
C GLY A 222 -24.26 1.95 36.82
N ALA A 223 -23.53 1.25 35.95
CA ALA A 223 -22.16 1.61 35.62
C ALA A 223 -21.97 1.51 34.11
N PHE A 224 -20.77 1.88 33.67
CA PHE A 224 -20.43 1.89 32.26
C PHE A 224 -19.78 0.56 31.89
N GLN A 225 -20.51 -0.28 31.18
CA GLN A 225 -20.03 -1.62 30.81
C GLN A 225 -19.26 -1.57 29.49
N CYS A 226 -18.13 -0.84 29.52
CA CYS A 226 -17.32 -0.66 28.33
C CYS A 226 -15.83 -0.75 28.65
N TYR A 227 -15.44 -1.55 29.64
CA TYR A 227 -14.06 -1.59 30.10
C TYR A 227 -13.28 -2.78 29.57
N ASP A 228 -13.83 -3.51 28.61
CA ASP A 228 -13.01 -4.45 27.85
C ASP A 228 -11.92 -3.67 27.14
N LYS A 229 -10.71 -4.24 27.08
CA LYS A 229 -9.67 -3.59 26.29
C LYS A 229 -10.02 -3.59 24.80
N TYR A 230 -10.84 -4.56 24.37
CA TYR A 230 -11.29 -4.63 22.98
C TYR A 230 -12.16 -3.43 22.60
N SER A 231 -12.75 -2.75 23.57
CA SER A 231 -13.50 -1.52 23.34
C SER A 231 -12.74 -0.27 23.80
N LEU A 232 -11.87 -0.41 24.79
CA LEU A 232 -10.97 0.68 25.13
C LEU A 232 -10.06 1.03 23.95
N SER A 233 -9.80 0.05 23.07
CA SER A 233 -9.06 0.34 21.85
C SER A 233 -9.83 1.33 20.98
N SER A 234 -11.13 1.11 20.81
CA SER A 234 -11.94 2.06 20.04
C SER A 234 -12.09 3.38 20.79
N LEU A 235 -12.07 3.35 22.12
CA LEU A 235 -12.05 4.59 22.89
C LEU A 235 -10.80 5.40 22.59
N LYS A 236 -9.65 4.75 22.56
CA LYS A 236 -8.40 5.42 22.22
C LYS A 236 -8.46 5.95 20.78
N ALA A 237 -9.04 5.17 19.87
CA ALA A 237 -9.16 5.62 18.49
C ALA A 237 -10.01 6.89 18.39
N ALA A 238 -11.16 6.90 19.06
CA ALA A 238 -12.01 8.09 19.03
C ALA A 238 -11.33 9.29 19.69
N ALA A 239 -10.63 9.04 20.80
CA ALA A 239 -9.92 10.14 21.47
C ALA A 239 -8.84 10.73 20.58
N GLU A 240 -8.10 9.88 19.87
CA GLU A 240 -7.09 10.38 18.94
C GLU A 240 -7.72 11.09 17.75
N THR A 241 -8.85 10.58 17.26
CA THR A 241 -9.53 11.24 16.15
C THR A 241 -10.01 12.64 16.55
N TYR A 242 -10.51 12.78 17.76
CA TYR A 242 -10.97 14.07 18.26
C TYR A 242 -9.82 14.94 18.78
N GLY A 243 -8.58 14.48 18.68
CA GLY A 243 -7.45 15.25 19.14
C GLY A 243 -7.40 15.45 20.64
N LYS A 244 -7.80 14.44 21.40
CA LYS A 244 -7.79 14.49 22.86
C LYS A 244 -7.09 13.23 23.38
N PRO A 245 -5.77 13.20 23.37
CA PRO A 245 -5.06 12.01 23.83
C PRO A 245 -5.00 11.90 25.35
N GLU A 246 -6.13 12.19 26.00
CA GLU A 246 -6.31 11.95 27.41
C GLU A 246 -7.70 11.43 27.75
N TRP A 247 -8.66 11.51 26.83
CA TRP A 247 -10.03 11.09 27.05
C TRP A 247 -10.28 9.64 26.66
N GLY A 248 -9.25 8.92 26.24
CA GLY A 248 -9.40 7.54 25.83
C GLY A 248 -8.71 6.54 26.73
N SER A 249 -8.03 7.04 27.76
CA SER A 249 -7.32 6.16 28.68
C SER A 249 -8.29 5.24 29.42
N THR A 250 -9.43 5.77 29.85
CA THR A 250 -10.42 5.00 30.59
C THR A 250 -11.75 5.74 30.52
N GLY A 251 -12.73 5.28 31.30
CA GLY A 251 -14.00 5.93 31.38
C GLY A 251 -14.00 7.01 32.45
N PRO A 252 -15.18 7.53 32.78
CA PRO A 252 -15.26 8.55 33.83
C PRO A 252 -14.77 8.01 35.17
N THR A 253 -14.01 8.84 35.88
CA THR A 253 -13.47 8.45 37.17
C THR A 253 -14.40 8.78 38.33
N ASP A 254 -15.51 9.46 38.07
CA ASP A 254 -16.48 9.80 39.11
C ASP A 254 -17.90 9.58 38.60
N ALA A 255 -18.11 8.49 37.85
CA ALA A 255 -19.43 8.19 37.33
C ALA A 255 -20.37 7.68 38.42
N GLY A 256 -19.84 6.97 39.41
CA GLY A 256 -20.64 6.51 40.52
C GLY A 256 -20.91 5.02 40.46
N HIS A 257 -21.09 4.42 41.63
CA HIS A 257 -21.40 3.00 41.74
C HIS A 257 -22.88 2.77 41.40
N TYR A 258 -23.23 1.51 41.13
CA TYR A 258 -24.55 1.17 40.62
C TYR A 258 -25.66 1.73 41.48
N ASN A 259 -25.59 1.50 42.80
CA ASN A 259 -26.67 1.86 43.70
C ASN A 259 -26.58 3.29 44.20
N ASN A 260 -25.58 4.05 43.75
CA ASN A 260 -25.49 5.46 44.14
C ASN A 260 -26.60 6.26 43.46
N TRP A 261 -26.80 7.47 43.94
CA TRP A 261 -27.83 8.34 43.40
C TRP A 261 -27.25 9.33 42.41
N PRO A 262 -28.05 9.82 41.47
CA PRO A 262 -27.52 10.76 40.47
C PRO A 262 -26.90 12.01 41.07
N GLU A 263 -27.44 12.51 42.18
CA GLU A 263 -26.86 13.67 42.83
C GLU A 263 -25.67 13.33 43.70
N ASP A 264 -25.44 12.04 44.00
CA ASP A 264 -24.27 11.63 44.74
C ASP A 264 -23.00 11.64 43.89
N THR A 265 -23.15 11.65 42.57
CA THR A 265 -22.03 11.63 41.65
C THR A 265 -21.90 12.98 40.95
N GLN A 266 -20.67 13.49 40.89
CA GLN A 266 -20.42 14.76 40.21
C GLN A 266 -20.58 14.63 38.70
N PHE A 267 -20.51 13.42 38.16
CA PHE A 267 -20.71 13.23 36.74
C PHE A 267 -22.17 13.42 36.34
N PHE A 268 -23.09 12.87 37.12
CA PHE A 268 -24.50 12.82 36.77
C PHE A 268 -25.34 13.87 37.50
N LYS A 269 -24.71 14.77 38.24
CA LYS A 269 -25.45 15.82 38.92
C LYS A 269 -26.03 16.81 37.92
N LYS A 270 -27.24 17.29 38.19
CA LYS A 270 -27.92 18.19 37.29
C LYS A 270 -27.40 19.62 37.37
N GLU A 271 -26.62 19.95 38.39
CA GLU A 271 -26.10 21.32 38.56
C GLU A 271 -24.72 21.43 37.91
N GLY A 272 -24.74 21.49 36.58
CA GLY A 272 -23.52 21.66 35.81
C GLY A 272 -22.54 20.52 35.96
N GLY A 273 -23.03 19.29 35.85
CA GLY A 273 -22.19 18.12 36.01
C GLY A 273 -21.40 17.79 34.75
N GLY A 274 -20.51 16.80 34.90
CA GLY A 274 -19.66 16.38 33.80
C GLY A 274 -20.40 15.88 32.59
N TRP A 275 -21.65 15.45 32.75
CA TRP A 275 -22.46 15.05 31.61
C TRP A 275 -22.72 16.20 30.65
N ASN A 276 -22.59 17.44 31.10
CA ASN A 276 -22.74 18.60 30.24
C ASN A 276 -21.42 19.08 29.65
N SER A 277 -20.29 18.63 30.19
CA SER A 277 -18.98 19.08 29.73
C SER A 277 -18.67 18.48 28.35
N GLU A 278 -17.60 18.99 27.75
CA GLU A 278 -17.15 18.49 26.46
C GLU A 278 -16.75 17.02 26.56
N TYR A 279 -16.00 16.67 27.60
CA TYR A 279 -15.60 15.27 27.78
C TYR A 279 -16.81 14.38 27.99
N GLY A 280 -17.78 14.84 28.78
CA GLY A 280 -18.99 14.06 28.98
C GLY A 280 -19.75 13.83 27.70
N ASP A 281 -19.91 14.89 26.91
CA ASP A 281 -20.61 14.75 25.63
C ASP A 281 -19.87 13.80 24.70
N PHE A 282 -18.54 13.92 24.63
CA PHE A 282 -17.76 13.03 23.76
C PHE A 282 -17.90 11.58 24.18
N PHE A 283 -17.70 11.30 25.48
CA PHE A 283 -17.76 9.92 25.95
C PHE A 283 -19.16 9.34 25.79
N LEU A 284 -20.20 10.13 26.08
CA LEU A 284 -21.55 9.61 25.97
C LEU A 284 -21.94 9.37 24.52
N SER A 285 -21.50 10.24 23.61
CA SER A 285 -21.72 9.99 22.19
C SER A 285 -21.00 8.73 21.74
N TRP A 286 -19.77 8.53 22.22
CA TRP A 286 -19.03 7.30 21.92
C TRP A 286 -19.79 6.07 22.41
N TYR A 287 -20.26 6.10 23.65
CA TYR A 287 -20.97 4.97 24.24
C TYR A 287 -22.25 4.66 23.45
N SER A 288 -23.08 5.67 23.24
CA SER A 288 -24.34 5.48 22.54
C SER A 288 -24.11 5.04 21.10
N GLN A 289 -23.07 5.57 20.44
CA GLN A 289 -22.83 5.20 19.06
C GLN A 289 -22.23 3.81 18.93
N MET A 290 -21.47 3.34 19.92
CA MET A 290 -21.07 1.94 19.89
C MET A 290 -22.27 1.01 20.07
N LEU A 291 -23.16 1.34 21.00
CA LEU A 291 -24.37 0.53 21.14
C LEU A 291 -25.18 0.55 19.85
N LEU A 292 -25.25 1.72 19.21
CA LEU A 292 -25.97 1.86 17.95
C LEU A 292 -25.29 1.09 16.83
N ASP A 293 -23.95 1.01 16.85
CA ASP A 293 -23.23 0.27 15.81
C ASP A 293 -23.40 -1.24 16.00
N HIS A 294 -23.37 -1.71 17.24
CA HIS A 294 -23.73 -3.09 17.53
C HIS A 294 -25.13 -3.41 17.00
N GLY A 295 -26.08 -2.52 17.29
CA GLY A 295 -27.41 -2.65 16.73
C GLY A 295 -27.40 -2.66 15.22
N GLU A 296 -26.61 -1.77 14.60
CA GLU A 296 -26.54 -1.67 13.15
C GLU A 296 -26.08 -2.99 12.55
N ARG A 297 -25.00 -3.55 13.10
CA ARG A 297 -24.43 -4.78 12.56
C ARG A 297 -25.42 -5.93 12.67
N ILE A 298 -25.97 -6.15 13.87
CA ILE A 298 -26.84 -7.31 14.05
C ILE A 298 -28.14 -7.13 13.28
N LEU A 299 -28.66 -5.90 13.21
CA LEU A 299 -29.88 -5.63 12.47
C LEU A 299 -29.68 -5.83 10.97
N SER A 300 -28.54 -5.39 10.43
CA SER A 300 -28.27 -5.63 9.02
C SER A 300 -28.15 -7.11 8.73
N SER A 301 -27.48 -7.86 9.61
CA SER A 301 -27.38 -9.31 9.42
C SER A 301 -28.77 -9.95 9.44
N ALA A 302 -29.60 -9.57 10.41
CA ALA A 302 -30.93 -10.15 10.51
C ALA A 302 -31.79 -9.79 9.31
N LYS A 303 -31.69 -8.55 8.81
CA LYS A 303 -32.45 -8.15 7.64
C LYS A 303 -32.00 -8.93 6.41
N SER A 304 -30.69 -9.14 6.26
CA SER A 304 -30.21 -9.94 5.15
C SER A 304 -30.71 -11.38 5.23
N ILE A 305 -30.71 -11.95 6.44
CA ILE A 305 -31.11 -13.34 6.60
C ILE A 305 -32.60 -13.52 6.38
N PHE A 306 -33.43 -12.60 6.90
CA PHE A 306 -34.87 -12.73 6.88
C PHE A 306 -35.53 -11.83 5.84
N GLU A 307 -34.84 -11.54 4.75
CA GLU A 307 -35.37 -10.62 3.74
C GLU A 307 -36.44 -11.29 2.90
N ASN A 308 -37.56 -10.60 2.71
CA ASN A 308 -38.63 -11.01 1.80
C ASN A 308 -39.16 -12.40 2.15
N MET A 309 -39.70 -12.52 3.37
CA MET A 309 -40.25 -13.79 3.82
C MET A 309 -41.55 -13.61 4.60
N GLY A 310 -42.21 -12.47 4.48
CA GLY A 310 -43.47 -12.26 5.14
C GLY A 310 -43.38 -12.10 6.64
N VAL A 311 -42.22 -11.70 7.16
CA VAL A 311 -42.00 -11.56 8.59
C VAL A 311 -41.38 -10.20 8.87
N LYS A 312 -41.53 -9.76 10.12
CA LYS A 312 -41.00 -8.49 10.58
C LYS A 312 -39.88 -8.73 11.59
N ILE A 313 -39.02 -7.73 11.75
CA ILE A 313 -37.88 -7.78 12.65
C ILE A 313 -38.04 -6.68 13.69
N SER A 314 -37.86 -7.03 14.96
CA SER A 314 -38.02 -6.09 16.05
C SER A 314 -36.79 -6.08 16.95
N VAL A 315 -36.59 -4.95 17.62
CA VAL A 315 -35.51 -4.76 18.56
C VAL A 315 -36.11 -4.25 19.86
N LYS A 316 -35.76 -4.91 20.97
CA LYS A 316 -36.26 -4.54 22.28
C LYS A 316 -35.30 -3.54 22.92
N ILE A 317 -35.87 -2.46 23.47
CA ILE A 317 -35.09 -1.36 24.03
C ILE A 317 -35.47 -1.24 25.51
N ALA A 318 -34.46 -1.06 26.36
CA ALA A 318 -34.68 -1.08 27.79
C ALA A 318 -35.60 0.06 28.22
N GLY A 319 -36.64 -0.29 28.99
CA GLY A 319 -37.56 0.69 29.54
C GLY A 319 -37.09 1.26 30.86
N ILE A 320 -36.13 2.19 30.80
CA ILE A 320 -35.47 2.72 31.99
C ILE A 320 -36.32 3.87 32.50
N HIS A 321 -37.31 3.55 33.33
CA HIS A 321 -38.24 4.58 33.80
C HIS A 321 -37.66 5.40 34.95
N TRP A 322 -36.85 4.80 35.82
CA TRP A 322 -36.46 5.47 37.04
C TRP A 322 -35.42 6.56 36.78
N HIS A 323 -35.37 7.54 37.68
CA HIS A 323 -34.48 8.70 37.58
C HIS A 323 -34.71 9.46 36.28
N TYR A 324 -35.97 9.50 35.84
CA TYR A 324 -36.32 10.26 34.65
C TYR A 324 -36.39 11.76 34.92
N GLY A 325 -36.77 12.14 36.15
CA GLY A 325 -36.93 13.56 36.45
C GLY A 325 -35.61 14.32 36.52
N THR A 326 -34.52 13.63 36.83
CA THR A 326 -33.21 14.27 36.87
C THR A 326 -32.81 14.72 35.47
N ARG A 327 -32.09 15.85 35.41
CA ARG A 327 -31.69 16.40 34.11
C ARG A 327 -30.77 15.44 33.36
N SER A 328 -29.86 14.78 34.07
CA SER A 328 -28.86 13.96 33.40
C SER A 328 -29.44 12.65 32.87
N HIS A 329 -30.44 12.09 33.56
CA HIS A 329 -30.96 10.75 33.25
C HIS A 329 -29.85 9.72 33.35
N ALA A 330 -29.28 9.61 34.55
CA ALA A 330 -28.08 8.80 34.75
C ALA A 330 -28.26 7.32 34.42
N PRO A 331 -29.34 6.64 34.82
CA PRO A 331 -29.49 5.24 34.39
C PRO A 331 -29.53 5.07 32.89
N GLU A 332 -30.21 5.98 32.18
CA GLU A 332 -30.21 5.92 30.73
C GLU A 332 -28.80 6.13 30.17
N LEU A 333 -28.05 7.08 30.75
CA LEU A 333 -26.69 7.32 30.28
C LEU A 333 -25.81 6.10 30.49
N THR A 334 -25.96 5.42 31.64
CA THR A 334 -25.15 4.25 31.93
C THR A 334 -25.53 3.05 31.07
N ALA A 335 -26.81 2.90 30.74
CA ALA A 335 -27.27 1.78 29.94
C ALA A 335 -27.21 2.06 28.44
N GLY A 336 -26.37 3.00 28.01
CA GLY A 336 -26.12 3.23 26.61
C GLY A 336 -26.99 4.26 25.92
N TYR A 337 -28.01 4.79 26.60
CA TYR A 337 -28.92 5.76 26.00
C TYR A 337 -28.44 7.16 26.34
N TYR A 338 -28.03 7.91 25.32
CA TYR A 338 -27.61 9.30 25.50
C TYR A 338 -28.85 10.22 25.44
N ASN A 339 -29.78 9.95 26.36
CA ASN A 339 -31.02 10.70 26.47
C ASN A 339 -30.93 11.60 27.69
N THR A 340 -30.93 12.91 27.46
CA THR A 340 -30.92 13.88 28.54
C THR A 340 -32.05 14.89 28.32
N ARG A 341 -32.09 15.95 29.13
CA ARG A 341 -33.03 17.02 28.87
C ARG A 341 -32.60 17.90 27.70
N PHE A 342 -31.32 17.85 27.33
CA PHE A 342 -30.81 18.59 26.18
C PHE A 342 -30.76 17.76 24.90
N ARG A 343 -30.47 16.47 25.02
CA ARG A 343 -30.41 15.57 23.87
C ARG A 343 -31.45 14.48 23.99
N ASP A 344 -32.15 14.19 22.89
CA ASP A 344 -33.10 13.09 22.83
C ASP A 344 -32.35 11.85 22.33
N GLY A 345 -32.04 10.94 23.25
CA GLY A 345 -31.23 9.79 22.92
C GLY A 345 -31.97 8.68 22.20
N TYR A 346 -33.29 8.73 22.16
CA TYR A 346 -34.08 7.70 21.47
C TYR A 346 -34.28 8.02 20.00
N LEU A 347 -34.05 9.25 19.59
CA LEU A 347 -34.20 9.67 18.19
C LEU A 347 -33.18 8.95 17.29
N PRO A 348 -31.90 8.86 17.66
CA PRO A 348 -30.98 8.05 16.84
C PRO A 348 -31.35 6.58 16.76
N ILE A 349 -31.85 5.99 17.84
CA ILE A 349 -32.28 4.59 17.81
C ILE A 349 -33.45 4.44 16.86
N ALA A 350 -34.39 5.37 16.90
CA ALA A 350 -35.52 5.35 15.98
C ALA A 350 -35.04 5.50 14.54
N GLN A 351 -34.02 6.35 14.31
CA GLN A 351 -33.43 6.46 12.98
C GLN A 351 -32.86 5.13 12.52
N MET A 352 -32.13 4.44 13.40
CA MET A 352 -31.58 3.14 13.03
C MET A 352 -32.67 2.14 12.66
N LEU A 353 -33.71 2.07 13.49
CA LEU A 353 -34.79 1.12 13.22
C LEU A 353 -35.53 1.48 11.94
N ALA A 354 -35.69 2.76 11.64
CA ALA A 354 -36.27 3.16 10.35
C ALA A 354 -35.34 2.79 9.19
N ARG A 355 -34.03 2.89 9.40
CA ARG A 355 -33.08 2.52 8.36
C ARG A 355 -33.19 1.04 8.03
N HIS A 356 -33.30 0.19 9.04
CA HIS A 356 -33.38 -1.24 8.83
C HIS A 356 -34.81 -1.77 8.83
N ASN A 357 -35.80 -0.88 8.89
CA ASN A 357 -37.22 -1.26 8.95
C ASN A 357 -37.44 -2.25 10.10
N ALA A 358 -37.16 -1.76 11.30
CA ALA A 358 -37.23 -2.56 12.51
C ALA A 358 -38.25 -1.96 13.47
N ILE A 359 -38.88 -2.84 14.23
CA ILE A 359 -39.91 -2.44 15.20
C ILE A 359 -39.24 -2.04 16.50
N PHE A 360 -39.71 -0.94 17.09
CA PHE A 360 -39.24 -0.47 18.38
C PHE A 360 -40.09 -1.14 19.46
N ASN A 361 -39.51 -2.04 20.24
CA ASN A 361 -40.22 -2.71 21.31
C ASN A 361 -39.85 -2.06 22.63
N PHE A 362 -40.84 -1.61 23.38
CA PHE A 362 -40.60 -0.88 24.62
C PHE A 362 -41.35 -1.50 25.79
N THR A 363 -40.68 -1.56 26.94
CA THR A 363 -41.24 -2.08 28.16
C THR A 363 -41.89 -0.95 28.96
N CYS A 364 -42.20 -1.23 30.23
CA CYS A 364 -42.74 -0.26 31.19
C CYS A 364 -43.89 0.56 30.59
N ILE A 365 -44.95 -0.15 30.22
CA ILE A 365 -46.14 0.48 29.67
C ILE A 365 -47.26 0.56 30.71
N GLU A 366 -47.42 -0.48 31.52
CA GLU A 366 -48.52 -0.54 32.47
C GLU A 366 -48.28 0.30 33.72
N MET A 367 -47.04 0.60 34.06
CA MET A 367 -46.76 1.27 35.31
C MET A 367 -47.16 2.75 35.25
N ARG A 368 -47.44 3.32 36.42
CA ARG A 368 -47.81 4.72 36.56
C ARG A 368 -46.75 5.46 37.36
N ASP A 369 -46.74 6.78 37.21
CA ASP A 369 -45.77 7.60 37.93
C ASP A 369 -45.94 7.47 39.44
N HIS A 370 -47.19 7.55 39.93
CA HIS A 370 -47.44 7.48 41.36
C HIS A 370 -47.15 6.09 41.92
N GLU A 371 -47.37 5.04 41.13
CA GLU A 371 -47.10 3.69 41.61
C GLU A 371 -45.62 3.49 41.90
N GLN A 372 -44.76 3.99 41.02
CA GLN A 372 -43.33 3.91 41.26
C GLN A 372 -42.93 4.89 42.36
N PRO A 373 -41.82 4.62 43.06
CA PRO A 373 -41.37 5.54 44.10
C PRO A 373 -41.08 6.92 43.54
N GLN A 374 -41.47 7.95 44.31
CA GLN A 374 -41.28 9.33 43.88
C GLN A 374 -39.93 9.90 44.30
N ASP A 375 -39.29 9.34 45.32
CA ASP A 375 -37.97 9.82 45.72
C ASP A 375 -36.92 9.56 44.65
N ALA A 376 -37.16 8.61 43.76
CA ALA A 376 -36.25 8.33 42.65
C ALA A 376 -36.66 9.04 41.37
N LEU A 377 -37.72 9.85 41.40
CA LEU A 377 -38.16 10.65 40.25
C LEU A 377 -38.44 9.77 39.03
N CYS A 378 -39.11 8.64 39.26
CA CYS A 378 -39.45 7.73 38.17
C CYS A 378 -40.64 8.31 37.40
N ALA A 379 -40.51 8.40 36.08
CA ALA A 379 -41.56 8.94 35.21
C ALA A 379 -41.80 7.98 34.04
N PRO A 380 -42.41 6.83 34.31
CA PRO A 380 -42.68 5.89 33.21
C PRO A 380 -43.56 6.46 32.11
N GLU A 381 -44.57 7.25 32.47
CA GLU A 381 -45.46 7.80 31.44
C GLU A 381 -44.76 8.85 30.59
N LYS A 382 -43.94 9.70 31.22
CA LYS A 382 -43.16 10.67 30.45
C LYS A 382 -42.17 9.97 29.53
N LEU A 383 -41.55 8.89 30.02
CA LEU A 383 -40.65 8.12 29.17
C LEU A 383 -41.38 7.51 27.98
N VAL A 384 -42.57 6.95 28.22
CA VAL A 384 -43.34 6.37 27.13
C VAL A 384 -43.76 7.45 26.13
N ASN A 385 -44.10 8.64 26.63
CA ASN A 385 -44.44 9.73 25.74
C ASN A 385 -43.24 10.13 24.87
N GLN A 386 -42.05 10.18 25.46
CA GLN A 386 -40.86 10.50 24.68
C GLN A 386 -40.59 9.43 23.63
N VAL A 387 -40.78 8.16 24.00
CA VAL A 387 -40.61 7.08 23.03
C VAL A 387 -41.59 7.22 21.89
N ALA A 388 -42.84 7.52 22.21
CA ALA A 388 -43.86 7.69 21.17
C ALA A 388 -43.53 8.86 20.25
N LEU A 389 -43.02 9.96 20.82
CA LEU A 389 -42.63 11.09 19.99
C LEU A 389 -41.48 10.73 19.06
N ALA A 390 -40.48 9.99 19.57
CA ALA A 390 -39.37 9.58 18.71
C ALA A 390 -39.84 8.66 17.59
N THR A 391 -40.72 7.71 17.92
CA THR A 391 -41.22 6.78 16.91
C THR A 391 -42.08 7.50 15.88
N LEU A 392 -42.85 8.51 16.30
CA LEU A 392 -43.61 9.30 15.34
C LEU A 392 -42.70 10.12 14.45
N ALA A 393 -41.61 10.66 15.03
CA ALA A 393 -40.67 11.44 14.23
C ALA A 393 -39.98 10.57 13.17
N ALA A 394 -39.61 9.34 13.53
CA ALA A 394 -38.91 8.46 12.60
C ALA A 394 -39.84 7.53 11.82
N GLU A 395 -41.16 7.63 12.03
CA GLU A 395 -42.13 6.75 11.36
C GLU A 395 -41.81 5.28 11.61
N VAL A 396 -41.37 4.97 12.83
CA VAL A 396 -41.03 3.60 13.22
C VAL A 396 -42.22 2.97 13.94
N PRO A 397 -42.73 1.84 13.47
CA PRO A 397 -43.79 1.15 14.21
C PRO A 397 -43.29 0.73 15.58
N LEU A 398 -44.16 0.85 16.58
CA LEU A 398 -43.80 0.62 17.97
C LEU A 398 -44.71 -0.45 18.58
N ALA A 399 -44.11 -1.33 19.37
CA ALA A 399 -44.83 -2.34 20.13
C ALA A 399 -44.46 -2.19 21.60
N GLY A 400 -45.37 -2.60 22.47
CA GLY A 400 -45.19 -2.42 23.90
C GLY A 400 -45.31 -3.73 24.66
N GLU A 401 -44.72 -3.73 25.85
CA GLU A 401 -44.83 -4.86 26.76
C GLU A 401 -44.79 -4.34 28.18
N ASN A 402 -45.41 -5.08 29.09
CA ASN A 402 -45.37 -4.72 30.49
C ASN A 402 -44.04 -5.12 31.11
N ALA A 403 -43.63 -4.37 32.14
CA ALA A 403 -42.35 -4.64 32.79
C ALA A 403 -42.47 -5.66 33.91
N LEU A 404 -43.60 -5.69 34.60
CA LEU A 404 -43.86 -6.63 35.67
C LEU A 404 -45.20 -7.30 35.45
N PRO A 405 -45.37 -8.54 35.90
CA PRO A 405 -46.64 -9.24 35.68
C PRO A 405 -47.70 -8.77 36.66
N ARG A 406 -48.75 -8.15 36.13
CA ARG A 406 -49.85 -7.65 36.96
C ARG A 406 -51.16 -7.85 36.20
N TYR A 407 -52.20 -8.22 36.93
CA TYR A 407 -53.49 -8.54 36.35
C TYR A 407 -54.55 -7.48 36.62
N ASP A 408 -54.18 -6.35 37.22
CA ASP A 408 -55.17 -5.38 37.67
C ASP A 408 -55.78 -4.61 36.50
N ASP A 409 -57.07 -4.30 36.64
CA ASP A 409 -57.75 -3.47 35.65
C ASP A 409 -57.17 -2.06 35.58
N TYR A 410 -56.54 -1.59 36.66
CA TYR A 410 -55.86 -0.29 36.61
C TYR A 410 -54.74 -0.32 35.58
N ALA A 411 -53.86 -1.32 35.65
CA ALA A 411 -52.81 -1.48 34.66
C ALA A 411 -53.38 -1.80 33.29
N HIS A 412 -54.47 -2.56 33.23
CA HIS A 412 -55.10 -2.86 31.94
C HIS A 412 -55.58 -1.58 31.26
N GLU A 413 -56.20 -0.68 32.02
CA GLU A 413 -56.66 0.58 31.46
C GLU A 413 -55.49 1.48 31.09
N GLN A 414 -54.42 1.44 31.87
CA GLN A 414 -53.21 2.19 31.50
C GLN A 414 -52.66 1.70 30.16
N ILE A 415 -52.60 0.38 29.98
CA ILE A 415 -52.12 -0.18 28.71
C ILE A 415 -53.08 0.18 27.58
N LEU A 416 -54.38 0.17 27.85
CA LEU A 416 -55.36 0.54 26.83
C LEU A 416 -55.16 1.98 26.37
N LYS A 417 -54.95 2.89 27.34
CA LYS A 417 -54.73 4.29 26.98
C LYS A 417 -53.41 4.46 26.22
N ALA A 418 -52.35 3.79 26.67
CA ALA A 418 -51.07 3.89 25.98
C ALA A 418 -51.14 3.33 24.57
N SER A 419 -51.98 2.32 24.34
CA SER A 419 -52.15 1.79 22.99
C SER A 419 -53.03 2.71 22.15
N ALA A 420 -54.04 3.34 22.75
CA ALA A 420 -54.88 4.28 22.02
C ALA A 420 -54.08 5.50 21.57
N LEU A 421 -53.17 5.97 22.42
CA LEU A 421 -52.34 7.13 22.11
C LEU A 421 -53.17 8.37 21.83
N MET A 434 -49.36 1.43 18.93
CA MET A 434 -48.91 0.08 19.26
C MET A 434 -49.29 -0.92 18.18
N CYS A 435 -48.29 -1.48 17.51
CA CYS A 435 -48.55 -2.51 16.52
C CYS A 435 -48.90 -3.84 17.16
N ALA A 436 -48.37 -4.11 18.36
CA ALA A 436 -48.68 -5.33 19.10
C ALA A 436 -48.27 -5.12 20.55
N PHE A 437 -48.80 -5.99 21.42
CA PHE A 437 -48.48 -5.95 22.83
C PHE A 437 -48.11 -7.35 23.31
N THR A 438 -47.01 -7.46 24.04
CA THR A 438 -46.55 -8.72 24.60
C THR A 438 -46.76 -8.71 26.11
N TYR A 439 -47.43 -9.74 26.61
CA TYR A 439 -47.87 -9.79 28.00
C TYR A 439 -46.98 -10.75 28.79
N LEU A 440 -46.44 -10.26 29.90
CA LEU A 440 -45.70 -11.07 30.86
C LEU A 440 -46.54 -11.26 32.11
N ARG A 441 -46.60 -12.50 32.60
CA ARG A 441 -45.96 -13.70 32.09
C ARG A 441 -46.92 -14.88 32.19
N MET A 442 -46.81 -15.83 31.27
CA MET A 442 -47.67 -17.01 31.32
C MET A 442 -47.37 -17.84 32.57
N ASN A 443 -48.43 -18.19 33.29
CA ASN A 443 -48.33 -18.95 34.53
C ASN A 443 -49.74 -19.36 34.94
N PRO A 444 -49.88 -20.41 35.74
CA PRO A 444 -51.22 -20.82 36.19
C PRO A 444 -51.94 -19.76 36.98
N GLU A 445 -51.21 -18.79 37.56
CA GLU A 445 -51.86 -17.68 38.25
C GLU A 445 -52.78 -16.91 37.32
N LEU A 446 -52.43 -16.84 36.03
CA LEU A 446 -53.29 -16.12 35.08
C LEU A 446 -54.55 -16.91 34.77
N PHE A 447 -54.55 -18.21 35.05
CA PHE A 447 -55.72 -19.05 34.79
C PHE A 447 -56.66 -19.15 35.99
N GLN A 448 -56.39 -18.43 37.08
CA GLN A 448 -57.34 -18.36 38.17
C GLN A 448 -58.60 -17.63 37.71
N ALA A 449 -59.65 -17.69 38.53
CA ALA A 449 -60.95 -17.14 38.12
C ALA A 449 -60.87 -15.65 37.83
N ASP A 450 -60.57 -14.85 38.86
CA ASP A 450 -60.60 -13.40 38.71
C ASP A 450 -59.49 -12.92 37.77
N ASN A 451 -58.30 -13.50 37.88
CA ASN A 451 -57.20 -13.10 37.00
C ASN A 451 -57.52 -13.40 35.55
N TRP A 452 -58.10 -14.57 35.29
CA TRP A 452 -58.49 -14.94 33.92
C TRP A 452 -59.58 -14.00 33.40
N GLY A 453 -60.56 -13.67 34.24
CA GLY A 453 -61.58 -12.74 33.82
C GLY A 453 -61.02 -11.38 33.48
N LYS A 454 -60.11 -10.87 34.32
CA LYS A 454 -59.48 -9.59 34.06
C LYS A 454 -58.66 -9.63 32.78
N PHE A 455 -57.92 -10.72 32.56
CA PHE A 455 -57.09 -10.84 31.37
C PHE A 455 -57.94 -10.87 30.10
N VAL A 456 -59.01 -11.66 30.10
CA VAL A 456 -59.85 -11.71 28.92
C VAL A 456 -60.57 -10.39 28.70
N ALA A 457 -60.96 -9.71 29.79
CA ALA A 457 -61.58 -8.39 29.64
C ALA A 457 -60.63 -7.41 28.98
N PHE A 458 -59.36 -7.40 29.43
CA PHE A 458 -58.35 -6.58 28.77
C PHE A 458 -58.18 -6.99 27.32
N VAL A 459 -58.27 -8.29 27.03
CA VAL A 459 -58.07 -8.77 25.67
C VAL A 459 -59.15 -8.20 24.74
N LYS A 460 -60.43 -8.34 25.12
CA LYS A 460 -61.44 -7.82 24.21
C LYS A 460 -61.61 -6.32 24.31
N LYS A 461 -61.06 -5.67 25.34
CA LYS A 461 -61.00 -4.22 25.33
C LYS A 461 -59.95 -3.71 24.34
N MET A 462 -58.79 -4.35 24.31
CA MET A 462 -57.75 -3.96 23.35
C MET A 462 -58.15 -4.33 21.93
N GLY A 463 -58.84 -5.46 21.77
CA GLY A 463 -59.28 -5.88 20.45
C GLY A 463 -60.33 -4.97 19.83
N ALA B 1 18.01 0.49 2.93
CA ALA B 1 18.53 1.38 1.91
C ALA B 1 20.00 1.70 2.17
N SER B 2 20.65 0.86 2.96
CA SER B 2 22.07 1.02 3.31
C SER B 2 22.88 -0.15 2.76
N TYR B 3 22.50 -0.66 1.60
CA TYR B 3 23.12 -1.82 1.01
C TYR B 3 24.24 -1.41 0.05
N LYS B 4 25.25 -2.25 -0.06
CA LYS B 4 26.44 -1.98 -0.84
C LYS B 4 26.45 -2.87 -2.07
N VAL B 5 26.77 -2.26 -3.22
CA VAL B 5 26.81 -2.97 -4.50
C VAL B 5 28.16 -2.73 -5.13
N ALA B 6 28.82 -3.82 -5.53
CA ALA B 6 30.07 -3.75 -6.26
C ALA B 6 29.83 -4.21 -7.70
N VAL B 7 30.51 -3.56 -8.64
CA VAL B 7 30.44 -3.92 -10.05
C VAL B 7 31.87 -4.13 -10.52
N LEU B 8 32.22 -5.36 -10.83
CA LEU B 8 33.57 -5.73 -11.26
C LEU B 8 33.60 -5.78 -12.77
N GLY B 9 34.27 -4.80 -13.39
CA GLY B 9 34.26 -4.67 -14.83
C GLY B 9 33.31 -3.57 -15.27
N ALA B 10 33.23 -2.50 -14.48
CA ALA B 10 32.31 -1.39 -14.74
C ALA B 10 32.96 -0.29 -15.58
N ALA B 11 33.52 -0.68 -16.72
CA ALA B 11 34.08 0.31 -17.64
C ALA B 11 33.85 -0.04 -19.11
N GLY B 12 33.12 -1.10 -19.41
CA GLY B 12 32.84 -1.50 -20.77
C GLY B 12 31.54 -0.91 -21.29
N GLY B 13 31.02 -1.52 -22.35
CA GLY B 13 29.76 -1.06 -22.92
C GLY B 13 28.60 -1.21 -21.95
N ILE B 14 28.61 -2.26 -21.14
CA ILE B 14 27.57 -2.47 -20.15
C ILE B 14 27.91 -1.80 -18.82
N GLY B 15 29.20 -1.77 -18.46
CA GLY B 15 29.60 -1.31 -17.15
C GLY B 15 29.21 0.11 -16.85
N GLN B 16 29.39 1.02 -17.79
CA GLN B 16 29.13 2.44 -17.53
C GLN B 16 27.65 2.73 -17.35
N PRO B 17 26.77 2.36 -18.30
CA PRO B 17 25.34 2.57 -18.06
C PRO B 17 24.82 1.79 -16.88
N LEU B 18 25.36 0.59 -16.63
CA LEU B 18 24.95 -0.17 -15.45
C LEU B 18 25.31 0.55 -14.17
N SER B 19 26.51 1.11 -14.10
CA SER B 19 26.92 1.86 -12.91
C SER B 19 26.06 3.10 -12.72
N LEU B 20 25.76 3.80 -13.82
CA LEU B 20 24.87 4.96 -13.73
C LEU B 20 23.50 4.57 -13.19
N LEU B 21 22.93 3.48 -13.71
CA LEU B 21 21.59 3.06 -13.29
C LEU B 21 21.59 2.59 -11.84
N ILE B 22 22.65 1.90 -11.40
CA ILE B 22 22.65 1.41 -10.03
C ILE B 22 22.88 2.56 -9.07
N LYS B 23 23.67 3.56 -9.46
CA LYS B 23 23.82 4.76 -8.63
C LYS B 23 22.49 5.50 -8.52
N MET B 24 21.76 5.61 -9.61
CA MET B 24 20.47 6.29 -9.57
C MET B 24 19.38 5.38 -9.02
N SER B 25 19.62 4.79 -7.84
CA SER B 25 18.67 3.87 -7.23
C SER B 25 18.44 4.26 -5.78
N PRO B 26 17.23 4.04 -5.26
CA PRO B 26 16.93 4.43 -3.87
C PRO B 26 17.49 3.48 -2.83
N LEU B 27 17.94 2.28 -3.22
CA LEU B 27 18.38 1.26 -2.27
C LEU B 27 19.90 1.25 -2.08
N VAL B 28 20.67 1.53 -3.11
CA VAL B 28 22.12 1.49 -3.00
C VAL B 28 22.59 2.72 -2.22
N SER B 29 23.42 2.48 -1.21
CA SER B 29 24.10 3.56 -0.51
C SER B 29 25.58 3.66 -0.85
N THR B 30 26.21 2.54 -1.20
CA THR B 30 27.62 2.53 -1.59
C THR B 30 27.76 1.74 -2.87
N LEU B 31 28.53 2.28 -3.81
CA LEU B 31 28.77 1.67 -5.11
C LEU B 31 30.28 1.58 -5.33
N HIS B 32 30.78 0.36 -5.41
CA HIS B 32 32.18 0.11 -5.68
C HIS B 32 32.32 -0.28 -7.15
N LEU B 33 33.32 0.27 -7.82
CA LEU B 33 33.57 0.01 -9.23
C LEU B 33 34.96 -0.58 -9.37
N TYR B 34 35.09 -1.61 -10.19
CA TYR B 34 36.39 -2.20 -10.47
C TYR B 34 36.52 -2.48 -11.95
N ASP B 35 37.74 -2.28 -12.46
CA ASP B 35 38.14 -2.73 -13.79
C ASP B 35 39.65 -2.61 -13.86
N ILE B 36 40.23 -3.24 -14.89
CA ILE B 36 41.68 -3.20 -15.04
C ILE B 36 42.19 -1.81 -15.40
N ALA B 37 41.33 -0.95 -15.92
CA ALA B 37 41.67 0.42 -16.29
C ALA B 37 40.38 1.14 -16.67
N ASN B 38 40.50 2.45 -16.89
CA ASN B 38 39.38 3.30 -17.34
C ASN B 38 38.21 3.25 -16.37
N VAL B 39 38.49 3.10 -15.08
CA VAL B 39 37.46 3.12 -14.05
C VAL B 39 37.49 4.38 -13.22
N LYS B 40 38.67 5.01 -13.06
CA LYS B 40 38.73 6.30 -12.36
C LYS B 40 37.91 7.35 -13.10
N GLY B 41 37.96 7.33 -14.43
CA GLY B 41 37.19 8.29 -15.20
C GLY B 41 35.69 8.12 -15.00
N VAL B 42 35.21 6.89 -15.05
CA VAL B 42 33.79 6.63 -14.87
C VAL B 42 33.36 6.97 -13.44
N ALA B 43 34.21 6.66 -12.46
CA ALA B 43 33.88 6.99 -11.07
C ALA B 43 33.81 8.50 -10.86
N ALA B 44 34.75 9.25 -11.44
CA ALA B 44 34.71 10.70 -11.34
C ALA B 44 33.49 11.27 -12.06
N ASP B 45 33.15 10.68 -13.21
CA ASP B 45 31.96 11.11 -13.94
C ASP B 45 30.70 10.90 -13.10
N LEU B 46 30.60 9.75 -12.43
CA LEU B 46 29.40 9.45 -11.67
C LEU B 46 29.33 10.22 -10.36
N SER B 47 30.47 10.50 -9.73
CA SER B 47 30.47 11.17 -8.44
C SER B 47 29.86 12.56 -8.49
N HIS B 48 29.73 13.16 -9.68
CA HIS B 48 29.15 14.48 -9.82
C HIS B 48 27.63 14.48 -9.81
N CYS B 49 26.99 13.34 -9.98
CA CYS B 49 25.54 13.27 -9.84
C CYS B 49 25.15 13.45 -8.37
N ASN B 50 24.01 14.09 -8.16
CA ASN B 50 23.56 14.44 -6.82
C ASN B 50 22.68 13.37 -6.19
N THR B 51 23.13 12.11 -6.24
CA THR B 51 22.38 11.03 -5.62
C THR B 51 23.11 10.53 -4.38
N PRO B 52 22.37 10.06 -3.36
CA PRO B 52 23.02 9.70 -2.09
C PRO B 52 24.06 8.59 -2.22
N SER B 53 23.91 7.70 -3.21
CA SER B 53 24.83 6.59 -3.37
C SER B 53 26.26 7.07 -3.59
N GLN B 54 27.14 6.81 -2.63
CA GLN B 54 28.54 7.13 -2.81
C GLN B 54 29.15 6.22 -3.86
N VAL B 55 30.24 6.68 -4.48
CA VAL B 55 30.92 5.94 -5.53
C VAL B 55 32.41 5.88 -5.22
N ARG B 56 32.96 4.67 -5.26
CA ARG B 56 34.40 4.47 -5.08
C ARG B 56 34.94 3.67 -6.26
N ASP B 57 36.20 3.92 -6.59
CA ASP B 57 36.86 3.28 -7.72
C ASP B 57 38.04 2.45 -7.23
N PHE B 58 38.29 1.34 -7.92
CA PHE B 58 39.40 0.45 -7.60
C PHE B 58 40.07 -0.01 -8.89
N THR B 59 41.40 -0.03 -8.87
CA THR B 59 42.18 -0.53 -10.00
C THR B 59 43.24 -1.47 -9.49
N GLY B 60 43.32 -2.65 -10.07
CA GLY B 60 44.34 -3.62 -9.72
C GLY B 60 43.86 -4.67 -8.74
N PRO B 61 44.47 -5.85 -8.81
CA PRO B 61 44.09 -6.94 -7.88
C PRO B 61 44.34 -6.59 -6.43
N SER B 62 45.30 -5.70 -6.14
CA SER B 62 45.55 -5.31 -4.75
C SER B 62 44.36 -4.56 -4.17
N GLU B 63 43.78 -3.64 -4.95
CA GLU B 63 42.56 -2.95 -4.53
C GLU B 63 41.31 -3.80 -4.74
N LEU B 64 41.42 -4.91 -5.49
CA LEU B 64 40.29 -5.83 -5.61
C LEU B 64 39.84 -6.35 -4.26
N ALA B 65 40.79 -6.65 -3.37
CA ALA B 65 40.43 -7.16 -2.05
C ALA B 65 39.62 -6.13 -1.26
N ASP B 66 40.03 -4.85 -1.33
CA ASP B 66 39.28 -3.79 -0.67
C ASP B 66 37.95 -3.51 -1.36
N CYS B 67 37.83 -3.83 -2.64
CA CYS B 67 36.63 -3.48 -3.40
C CYS B 67 35.38 -4.13 -2.81
N LEU B 68 35.44 -5.43 -2.51
CA LEU B 68 34.25 -6.17 -2.13
C LEU B 68 34.11 -6.35 -0.62
N LYS B 69 34.91 -5.66 0.18
CA LYS B 69 34.80 -5.76 1.63
C LYS B 69 33.40 -5.34 2.08
N ASP B 70 32.66 -6.28 2.66
CA ASP B 70 31.32 -6.04 3.18
C ASP B 70 30.38 -5.52 2.08
N VAL B 71 30.37 -6.23 0.95
CA VAL B 71 29.53 -5.89 -0.19
C VAL B 71 28.29 -6.77 -0.16
N ASN B 72 27.11 -6.16 -0.22
CA ASN B 72 25.87 -6.93 -0.18
C ASN B 72 25.60 -7.63 -1.50
N VAL B 73 25.80 -6.95 -2.63
CA VAL B 73 25.55 -7.54 -3.93
C VAL B 73 26.73 -7.30 -4.85
N VAL B 74 27.21 -8.37 -5.49
CA VAL B 74 28.29 -8.30 -6.47
C VAL B 74 27.71 -8.53 -7.85
N VAL B 75 28.11 -7.69 -8.80
CA VAL B 75 27.70 -7.81 -10.20
C VAL B 75 28.97 -7.91 -11.03
N ILE B 76 29.06 -8.96 -11.84
CA ILE B 76 30.26 -9.21 -12.63
C ILE B 76 29.88 -9.20 -14.11
N PRO B 77 29.91 -8.03 -14.76
CA PRO B 77 29.73 -7.97 -16.22
C PRO B 77 31.02 -7.93 -17.02
N ALA B 78 32.17 -8.13 -16.38
CA ALA B 78 33.45 -7.98 -17.07
C ALA B 78 33.57 -8.98 -18.21
N GLY B 79 33.96 -8.48 -19.38
CA GLY B 79 34.11 -9.31 -20.55
C GLY B 79 34.72 -8.50 -21.67
N VAL B 80 35.03 -9.19 -22.76
CA VAL B 80 35.63 -8.60 -23.94
C VAL B 80 34.70 -8.82 -25.11
N PRO B 81 34.29 -7.78 -25.83
CA PRO B 81 33.50 -8.00 -27.05
C PRO B 81 34.33 -8.71 -28.11
N ARG B 82 33.64 -9.48 -28.95
CA ARG B 82 34.34 -10.26 -29.96
C ARG B 82 34.99 -9.34 -30.99
N LYS B 83 36.30 -9.50 -31.17
CA LYS B 83 37.03 -8.74 -32.17
C LYS B 83 36.75 -9.28 -33.56
N PRO B 84 36.90 -8.44 -34.59
CA PRO B 84 36.70 -8.93 -35.97
C PRO B 84 37.66 -10.05 -36.30
N GLY B 85 37.10 -11.22 -36.62
CA GLY B 85 37.90 -12.38 -36.94
C GLY B 85 38.43 -13.14 -35.73
N MET B 86 37.98 -12.82 -34.53
CA MET B 86 38.45 -13.51 -33.34
C MET B 86 37.88 -14.92 -33.27
N THR B 87 38.69 -15.83 -32.72
CA THR B 87 38.26 -17.22 -32.55
C THR B 87 37.21 -17.31 -31.45
N ARG B 88 36.14 -18.06 -31.71
CA ARG B 88 35.10 -18.25 -30.70
C ARG B 88 35.66 -18.95 -29.47
N ASP B 89 36.48 -19.98 -29.67
CA ASP B 89 37.09 -20.67 -28.54
C ASP B 89 38.03 -19.76 -27.76
N ASP B 90 38.78 -18.92 -28.47
CA ASP B 90 39.68 -17.99 -27.79
C ASP B 90 38.90 -16.98 -26.97
N LEU B 91 37.81 -16.43 -27.53
CA LEU B 91 36.98 -15.49 -26.77
C LEU B 91 36.37 -16.17 -25.55
N PHE B 92 35.91 -17.42 -25.72
CA PHE B 92 35.42 -18.19 -24.60
C PHE B 92 36.50 -18.35 -23.53
N ASN B 93 37.74 -18.58 -23.94
CA ASN B 93 38.82 -18.76 -22.99
C ASN B 93 39.07 -17.47 -22.21
N ILE B 94 39.11 -16.33 -22.89
CA ILE B 94 39.35 -15.07 -22.18
C ILE B 94 38.20 -14.77 -21.22
N ASN B 95 36.95 -14.95 -21.67
CA ASN B 95 35.81 -14.68 -20.81
C ASN B 95 35.82 -15.59 -19.59
N ALA B 96 36.11 -16.88 -19.80
CA ALA B 96 36.13 -17.83 -18.69
C ALA B 96 37.27 -17.52 -17.73
N ASN B 97 38.43 -17.10 -18.25
CA ASN B 97 39.53 -16.74 -17.36
C ASN B 97 39.17 -15.52 -16.51
N ILE B 98 38.54 -14.52 -17.11
CA ILE B 98 38.14 -13.33 -16.36
C ILE B 98 37.13 -13.71 -15.29
N VAL B 99 36.14 -14.53 -15.64
CA VAL B 99 35.15 -14.95 -14.65
C VAL B 99 35.79 -15.76 -13.54
N LYS B 100 36.72 -16.66 -13.89
CA LYS B 100 37.43 -17.44 -12.89
C LYS B 100 38.15 -16.54 -11.90
N THR B 101 38.93 -15.58 -12.42
CA THR B 101 39.69 -14.70 -11.55
C THR B 101 38.77 -13.89 -10.64
N LEU B 102 37.72 -13.30 -11.21
CA LEU B 102 36.85 -12.44 -10.42
C LEU B 102 36.11 -13.24 -9.34
N VAL B 103 35.61 -14.44 -9.68
CA VAL B 103 34.89 -15.23 -8.70
C VAL B 103 35.84 -15.77 -7.63
N GLU B 104 37.03 -16.23 -8.03
CA GLU B 104 37.97 -16.75 -7.04
C GLU B 104 38.45 -15.65 -6.11
N ALA B 105 38.45 -14.40 -6.57
CA ALA B 105 38.79 -13.29 -5.68
C ALA B 105 37.60 -12.86 -4.84
N VAL B 106 36.38 -13.06 -5.36
CA VAL B 106 35.17 -12.81 -4.56
C VAL B 106 35.10 -13.78 -3.39
N ALA B 107 35.59 -15.01 -3.61
CA ALA B 107 35.38 -16.09 -2.64
C ALA B 107 35.96 -15.74 -1.27
N GLU B 108 37.22 -15.27 -1.21
CA GLU B 108 37.81 -14.99 0.09
C GLU B 108 37.27 -13.71 0.70
N ASN B 109 36.70 -12.82 -0.11
CA ASN B 109 36.28 -11.50 0.34
C ASN B 109 34.86 -11.50 0.89
N CYS B 110 33.88 -11.94 0.10
CA CYS B 110 32.51 -11.93 0.58
C CYS B 110 31.70 -13.04 -0.07
N PRO B 111 31.74 -14.26 0.46
CA PRO B 111 30.92 -15.33 -0.13
C PRO B 111 29.43 -15.04 -0.10
N ASN B 112 28.94 -14.42 0.97
CA ASN B 112 27.52 -14.08 1.10
C ASN B 112 27.29 -12.69 0.52
N ALA B 113 27.30 -12.63 -0.82
CA ALA B 113 27.23 -11.35 -1.50
C ALA B 113 26.33 -11.38 -2.73
N PHE B 114 25.38 -12.32 -2.79
CA PHE B 114 24.39 -12.38 -3.86
C PHE B 114 25.03 -12.22 -5.24
N ILE B 115 26.05 -13.04 -5.49
CA ILE B 115 26.88 -12.92 -6.68
C ILE B 115 26.04 -12.97 -7.94
N HIS B 116 26.09 -11.91 -8.73
CA HIS B 116 25.40 -11.83 -10.02
C HIS B 116 26.43 -11.96 -11.14
N ILE B 117 26.18 -12.86 -12.07
CA ILE B 117 27.11 -13.15 -13.16
C ILE B 117 26.46 -12.73 -14.47
N ILE B 118 27.12 -11.86 -15.21
CA ILE B 118 26.63 -11.34 -16.47
C ILE B 118 27.47 -11.82 -17.65
N SER B 119 28.78 -11.94 -17.46
CA SER B 119 29.71 -12.22 -18.54
C SER B 119 29.28 -13.44 -19.36
N ASN B 120 29.01 -13.19 -20.64
CA ASN B 120 28.58 -14.26 -21.52
C ASN B 120 29.75 -15.20 -21.84
N PRO B 121 29.46 -16.50 -22.06
CA PRO B 121 28.14 -17.15 -22.01
C PRO B 121 27.69 -17.42 -20.58
N VAL B 122 26.44 -17.14 -20.25
CA VAL B 122 25.95 -17.36 -18.90
C VAL B 122 25.93 -18.85 -18.58
N ASN B 123 25.46 -19.68 -19.52
CA ASN B 123 25.35 -21.12 -19.29
C ASN B 123 26.69 -21.75 -18.94
N SER B 124 27.79 -21.17 -19.44
CA SER B 124 29.11 -21.71 -19.17
C SER B 124 29.85 -20.97 -18.07
N THR B 125 29.45 -19.74 -17.75
CA THR B 125 30.15 -18.97 -16.73
C THR B 125 29.56 -19.13 -15.35
N VAL B 126 28.25 -19.37 -15.23
CA VAL B 126 27.66 -19.61 -13.92
C VAL B 126 28.22 -20.88 -13.27
N PRO B 127 28.25 -22.04 -13.95
CA PRO B 127 28.87 -23.22 -13.32
C PRO B 127 30.32 -23.02 -12.95
N ILE B 128 31.09 -22.28 -13.74
CA ILE B 128 32.47 -21.99 -13.39
C ILE B 128 32.54 -21.30 -12.04
N ALA B 129 31.73 -20.26 -11.86
CA ALA B 129 31.68 -19.57 -10.57
C ALA B 129 31.27 -20.52 -9.47
N ALA B 130 30.30 -21.39 -9.74
CA ALA B 130 29.83 -22.31 -8.72
C ALA B 130 30.94 -23.22 -8.22
N GLU B 131 31.73 -23.77 -9.15
CA GLU B 131 32.79 -24.67 -8.69
C GLU B 131 33.96 -23.93 -8.06
N VAL B 132 34.32 -22.75 -8.57
CA VAL B 132 35.36 -22.00 -7.87
C VAL B 132 34.91 -21.60 -6.47
N LEU B 133 33.61 -21.45 -6.25
CA LEU B 133 33.12 -21.34 -4.88
C LEU B 133 33.14 -22.68 -4.15
N LYS B 134 32.96 -23.78 -4.89
CA LYS B 134 32.97 -25.11 -4.27
C LYS B 134 34.35 -25.43 -3.67
N LYS B 135 35.42 -25.11 -4.39
CA LYS B 135 36.76 -25.43 -3.89
C LYS B 135 37.06 -24.66 -2.61
N LYS B 136 36.37 -23.55 -2.37
CA LYS B 136 36.55 -22.77 -1.15
C LYS B 136 35.53 -23.11 -0.08
N GLY B 137 34.60 -24.02 -0.35
CA GLY B 137 33.61 -24.40 0.64
C GLY B 137 32.57 -23.35 0.92
N VAL B 138 32.37 -22.40 0.01
CA VAL B 138 31.43 -21.30 0.19
C VAL B 138 30.47 -21.26 -0.98
N TYR B 139 30.16 -22.43 -1.53
CA TYR B 139 29.47 -22.59 -2.81
C TYR B 139 27.96 -22.35 -2.71
N ASP B 140 27.49 -21.71 -1.63
CA ASP B 140 26.08 -21.60 -1.28
C ASP B 140 25.20 -21.39 -2.50
N PRO B 141 24.37 -22.37 -2.84
CA PRO B 141 23.53 -22.26 -4.05
C PRO B 141 22.51 -21.15 -3.98
N LYS B 142 22.17 -20.67 -2.79
CA LYS B 142 21.20 -19.60 -2.63
C LYS B 142 21.77 -18.22 -2.93
N LYS B 143 23.09 -18.08 -3.01
CA LYS B 143 23.76 -16.80 -3.16
C LYS B 143 24.69 -16.82 -4.36
N LEU B 144 24.18 -17.30 -5.48
CA LEU B 144 24.91 -17.24 -6.75
C LEU B 144 23.87 -17.23 -7.87
N PHE B 145 23.85 -16.17 -8.66
CA PHE B 145 22.86 -15.99 -9.70
C PHE B 145 23.52 -15.71 -11.03
N GLY B 146 22.89 -16.18 -12.11
CA GLY B 146 23.20 -15.75 -13.45
C GLY B 146 22.07 -14.90 -13.96
N VAL B 147 22.37 -13.68 -14.37
CA VAL B 147 21.35 -12.69 -14.70
C VAL B 147 20.71 -13.09 -16.04
N THR B 148 19.49 -13.61 -15.97
CA THR B 148 18.70 -13.93 -17.15
C THR B 148 17.53 -12.97 -17.32
N THR B 149 17.58 -11.81 -16.66
CA THR B 149 16.47 -10.87 -16.73
C THR B 149 16.38 -10.15 -18.07
N LEU B 150 17.45 -10.14 -18.86
CA LEU B 150 17.37 -9.50 -20.17
C LEU B 150 16.38 -10.23 -21.06
N ASP B 151 16.36 -11.56 -21.02
CA ASP B 151 15.40 -12.28 -21.82
C ASP B 151 13.98 -12.09 -21.33
N VAL B 152 13.80 -11.93 -20.02
CA VAL B 152 12.47 -11.61 -19.48
C VAL B 152 12.01 -10.24 -19.99
N VAL B 153 12.92 -9.26 -19.97
CA VAL B 153 12.58 -7.92 -20.45
C VAL B 153 12.23 -7.96 -21.94
N ARG B 154 13.04 -8.68 -22.72
CA ARG B 154 12.75 -8.81 -24.15
C ARG B 154 11.42 -9.50 -24.38
N ALA B 155 11.11 -10.53 -23.59
CA ALA B 155 9.84 -11.23 -23.74
C ALA B 155 8.68 -10.30 -23.42
N ASN B 156 8.78 -9.54 -22.33
CA ASN B 156 7.72 -8.58 -22.01
C ASN B 156 7.52 -7.60 -23.15
N THR B 157 8.61 -7.02 -23.64
CA THR B 157 8.51 -6.03 -24.72
C THR B 157 7.88 -6.64 -25.96
N PHE B 158 8.34 -7.82 -26.36
CA PHE B 158 7.87 -8.41 -27.62
C PHE B 158 6.42 -8.86 -27.52
N VAL B 159 6.03 -9.49 -26.40
CA VAL B 159 4.63 -9.86 -26.24
C VAL B 159 3.74 -8.64 -26.19
N SER B 160 4.16 -7.58 -25.49
CA SER B 160 3.36 -6.37 -25.45
C SER B 160 3.18 -5.79 -26.85
N GLN B 161 4.27 -5.66 -27.61
CA GLN B 161 4.16 -5.10 -28.96
C GLN B 161 3.30 -5.97 -29.86
N LYS B 162 3.47 -7.29 -29.79
CA LYS B 162 2.78 -8.17 -30.73
C LYS B 162 1.29 -8.30 -30.39
N LYS B 163 0.96 -8.46 -29.12
CA LYS B 163 -0.41 -8.73 -28.71
C LYS B 163 -1.18 -7.47 -28.30
N ASN B 164 -0.54 -6.29 -28.34
CA ASN B 164 -1.17 -5.04 -27.93
C ASN B 164 -1.69 -5.14 -26.50
N LEU B 165 -0.76 -5.41 -25.57
CA LEU B 165 -1.07 -5.63 -24.17
C LEU B 165 -0.46 -4.51 -23.34
N LYS B 166 -1.08 -4.24 -22.18
CA LYS B 166 -0.58 -3.21 -21.29
C LYS B 166 0.79 -3.61 -20.75
N LEU B 167 1.80 -2.81 -21.08
CA LEU B 167 3.18 -3.15 -20.78
C LEU B 167 3.45 -3.22 -19.28
N ILE B 168 2.58 -2.64 -18.46
CA ILE B 168 2.78 -2.69 -17.01
C ILE B 168 2.36 -4.03 -16.42
N ASP B 169 1.53 -4.79 -17.12
CA ASP B 169 0.98 -6.04 -16.59
C ASP B 169 1.67 -7.29 -17.10
N VAL B 170 2.28 -7.25 -18.29
CA VAL B 170 2.81 -8.46 -18.91
C VAL B 170 4.05 -8.94 -18.16
N ASP B 171 4.07 -10.22 -17.81
CA ASP B 171 5.23 -10.87 -17.21
C ASP B 171 5.34 -12.27 -17.80
N VAL B 172 6.42 -12.52 -18.52
CA VAL B 172 6.64 -13.79 -19.23
C VAL B 172 7.81 -14.50 -18.57
N PRO B 173 7.61 -15.69 -18.00
CA PRO B 173 8.74 -16.44 -17.44
C PRO B 173 9.52 -17.17 -18.51
N VAL B 174 10.85 -17.09 -18.41
CA VAL B 174 11.75 -17.70 -19.39
C VAL B 174 12.66 -18.67 -18.64
N ILE B 175 12.78 -19.88 -19.16
CA ILE B 175 13.58 -20.92 -18.55
C ILE B 175 14.64 -21.38 -19.55
N GLY B 176 15.52 -22.27 -19.07
CA GLY B 176 16.57 -22.81 -19.91
C GLY B 176 17.93 -22.22 -19.64
N GLY B 177 18.44 -21.44 -20.58
CA GLY B 177 19.74 -20.82 -20.44
C GLY B 177 19.80 -19.42 -20.99
N HIS B 178 20.99 -18.98 -21.40
CA HIS B 178 21.22 -17.68 -22.01
C HIS B 178 22.14 -17.81 -23.22
N ALA B 179 21.87 -18.80 -24.07
CA ALA B 179 22.72 -19.09 -25.21
C ALA B 179 21.92 -19.26 -26.49
N GLY B 180 20.79 -18.55 -26.60
CA GLY B 180 19.99 -18.58 -27.81
C GLY B 180 19.06 -19.78 -27.89
N ILE B 181 19.59 -20.95 -28.25
CA ILE B 181 18.76 -22.14 -28.39
C ILE B 181 18.23 -22.59 -27.04
N THR B 182 19.02 -22.44 -25.98
CA THR B 182 18.62 -22.84 -24.64
C THR B 182 17.62 -21.88 -24.01
N ILE B 183 17.03 -20.98 -24.79
CA ILE B 183 16.01 -20.06 -24.30
C ILE B 183 14.66 -20.71 -24.51
N LEU B 184 13.82 -20.69 -23.48
CA LEU B 184 12.44 -21.18 -23.60
C LEU B 184 11.51 -20.18 -22.93
N PRO B 185 10.87 -19.31 -23.69
CA PRO B 185 9.86 -18.39 -23.13
C PRO B 185 8.56 -19.12 -22.88
N LEU B 186 8.23 -19.33 -21.61
CA LEU B 186 6.98 -20.02 -21.24
C LEU B 186 5.83 -19.05 -21.47
N LEU B 187 5.49 -18.87 -22.75
CA LEU B 187 4.47 -17.91 -23.13
C LEU B 187 3.11 -18.28 -22.57
N SER B 188 2.80 -19.59 -22.49
CA SER B 188 1.54 -20.03 -21.92
C SER B 188 1.41 -19.65 -20.45
N LYS B 189 2.52 -19.34 -19.78
CA LYS B 189 2.50 -18.85 -18.41
C LYS B 189 2.57 -17.33 -18.34
N THR B 190 2.11 -16.63 -19.38
CA THR B 190 2.03 -15.18 -19.34
C THR B 190 0.99 -14.78 -18.29
N LYS B 191 1.41 -13.97 -17.33
CA LYS B 191 0.53 -13.65 -16.20
C LYS B 191 -0.77 -12.97 -16.62
N PRO B 192 -0.79 -11.97 -17.51
CA PRO B 192 -2.06 -11.57 -18.11
C PRO B 192 -2.50 -12.61 -19.13
N SER B 193 -3.16 -13.66 -18.67
CA SER B 193 -3.47 -14.83 -19.48
C SER B 193 -4.08 -14.45 -20.81
N VAL B 194 -3.35 -14.75 -21.89
CA VAL B 194 -3.77 -14.42 -23.25
C VAL B 194 -3.46 -15.61 -24.15
N ASN B 195 -4.42 -15.94 -25.02
CA ASN B 195 -4.23 -17.06 -25.93
C ASN B 195 -3.22 -16.71 -27.01
N PHE B 196 -2.42 -17.69 -27.39
CA PHE B 196 -1.43 -17.56 -28.45
C PHE B 196 -1.72 -18.60 -29.52
N THR B 197 -1.78 -18.16 -30.78
CA THR B 197 -1.94 -19.09 -31.88
C THR B 197 -0.62 -19.79 -32.17
N ASP B 198 -0.67 -20.80 -33.04
CA ASP B 198 0.56 -21.47 -33.45
C ASP B 198 1.49 -20.49 -34.17
N GLU B 199 0.94 -19.68 -35.08
CA GLU B 199 1.74 -18.70 -35.80
C GLU B 199 2.26 -17.61 -34.87
N GLU B 200 1.49 -17.26 -33.83
CA GLU B 200 1.94 -16.23 -32.91
C GLU B 200 3.03 -16.73 -31.99
N ILE B 201 2.92 -17.98 -31.53
CA ILE B 201 4.02 -18.59 -30.78
C ILE B 201 5.26 -18.67 -31.65
N GLN B 202 5.09 -19.12 -32.90
CA GLN B 202 6.18 -19.08 -33.85
C GLN B 202 6.52 -17.63 -34.18
N GLU B 203 7.78 -17.45 -34.56
CA GLU B 203 8.42 -16.16 -34.86
C GLU B 203 8.62 -15.37 -33.58
N LEU B 204 7.85 -15.65 -32.54
CA LEU B 204 7.95 -14.89 -31.30
C LEU B 204 8.93 -15.57 -30.36
N THR B 205 8.79 -16.88 -30.17
CA THR B 205 9.84 -17.59 -29.47
C THR B 205 11.19 -17.38 -30.16
N VAL B 206 11.22 -17.45 -31.49
CA VAL B 206 12.52 -17.40 -32.17
C VAL B 206 13.11 -15.99 -32.10
N ARG B 207 12.29 -14.94 -32.15
CA ARG B 207 12.87 -13.62 -31.95
C ARG B 207 13.38 -13.46 -30.52
N ILE B 208 12.70 -14.06 -29.54
CA ILE B 208 13.22 -14.01 -28.17
C ILE B 208 14.57 -14.72 -28.10
N GLN B 209 14.70 -15.87 -28.77
CA GLN B 209 15.97 -16.59 -28.78
C GLN B 209 17.06 -15.80 -29.48
N ASN B 210 16.73 -15.14 -30.60
CA ASN B 210 17.71 -14.54 -31.49
C ASN B 210 17.84 -13.02 -31.32
N ALA B 211 17.27 -12.45 -30.25
CA ALA B 211 17.42 -11.02 -30.03
C ALA B 211 18.87 -10.60 -29.91
N GLY B 212 19.69 -11.41 -29.24
CA GLY B 212 21.11 -11.08 -29.13
C GLY B 212 21.80 -11.02 -30.47
N THR B 213 21.53 -12.01 -31.33
CA THR B 213 22.11 -12.01 -32.67
C THR B 213 21.60 -10.84 -33.49
N GLU B 214 20.31 -10.51 -33.35
CA GLU B 214 19.74 -9.37 -34.05
C GLU B 214 20.43 -8.07 -33.65
N VAL B 215 20.66 -7.89 -32.35
CA VAL B 215 21.34 -6.68 -31.89
C VAL B 215 22.78 -6.66 -32.36
N VAL B 216 23.44 -7.83 -32.37
CA VAL B 216 24.81 -7.88 -32.88
C VAL B 216 24.86 -7.48 -34.35
N ASP B 217 23.90 -7.97 -35.14
CA ASP B 217 23.84 -7.59 -36.56
C ASP B 217 23.58 -6.09 -36.71
N ALA B 218 22.68 -5.54 -35.90
CA ALA B 218 22.39 -4.11 -35.99
C ALA B 218 23.59 -3.27 -35.56
N LYS B 219 24.38 -3.76 -34.61
CA LYS B 219 25.58 -3.08 -34.10
C LYS B 219 26.83 -3.62 -34.75
N ALA B 220 26.76 -3.94 -36.04
CA ALA B 220 27.84 -4.63 -36.75
C ALA B 220 29.20 -4.00 -36.49
N GLY B 221 30.08 -4.75 -35.83
CA GLY B 221 31.42 -4.33 -35.56
C GLY B 221 31.67 -3.86 -34.14
N ALA B 222 30.61 -3.59 -33.36
CA ALA B 222 30.75 -3.05 -32.01
C ALA B 222 29.94 -3.88 -31.02
N GLY B 223 30.54 -4.98 -30.55
CA GLY B 223 30.00 -5.71 -29.41
C GLY B 223 28.59 -6.22 -29.62
N SER B 224 27.81 -6.16 -28.55
CA SER B 224 26.44 -6.67 -28.53
C SER B 224 25.58 -5.68 -27.75
N ALA B 225 24.39 -6.12 -27.34
CA ALA B 225 23.50 -5.26 -26.56
C ALA B 225 24.19 -4.82 -25.27
N THR B 226 24.16 -3.52 -25.01
CA THR B 226 24.73 -2.96 -23.80
C THR B 226 23.78 -2.13 -22.98
N LEU B 227 22.93 -1.31 -23.60
CA LEU B 227 21.93 -0.56 -22.86
C LEU B 227 20.84 -1.47 -22.30
N SER B 228 20.39 -2.45 -23.08
CA SER B 228 19.44 -3.44 -22.57
C SER B 228 20.05 -4.26 -21.44
N MET B 229 21.30 -4.67 -21.59
CA MET B 229 21.99 -5.37 -20.50
C MET B 229 22.07 -4.52 -19.24
N ALA B 230 22.43 -3.24 -19.38
CA ALA B 230 22.50 -2.38 -18.21
C ALA B 230 21.13 -2.24 -17.55
N TYR B 231 20.09 -2.05 -18.36
CA TYR B 231 18.73 -1.93 -17.83
C TYR B 231 18.31 -3.17 -17.07
N ALA B 232 18.49 -4.34 -17.67
CA ALA B 232 18.06 -5.59 -17.04
C ALA B 232 18.90 -5.91 -15.81
N ALA B 233 20.20 -5.65 -15.87
CA ALA B 233 21.05 -5.91 -14.72
C ALA B 233 20.72 -4.98 -13.56
N ALA B 234 20.39 -3.72 -13.84
CA ALA B 234 19.93 -2.82 -12.79
C ALA B 234 18.60 -3.30 -12.21
N ARG B 235 17.72 -3.83 -13.06
CA ARG B 235 16.47 -4.40 -12.55
C ARG B 235 16.73 -5.56 -11.61
N PHE B 236 17.65 -6.45 -11.99
CA PHE B 236 17.99 -7.59 -11.15
C PHE B 236 18.63 -7.13 -9.84
N VAL B 237 19.50 -6.12 -9.90
CA VAL B 237 20.13 -5.61 -8.68
C VAL B 237 19.07 -5.03 -7.74
N GLU B 238 18.12 -4.27 -8.28
CA GLU B 238 17.06 -3.73 -7.45
C GLU B 238 16.21 -4.83 -6.84
N SER B 239 15.87 -5.85 -7.63
CA SER B 239 15.08 -6.96 -7.09
C SER B 239 15.82 -7.67 -5.97
N SER B 240 17.11 -7.95 -6.17
CA SER B 240 17.89 -8.62 -5.14
C SER B 240 18.00 -7.77 -3.88
N LEU B 241 18.21 -6.45 -4.04
CA LEU B 241 18.33 -5.59 -2.88
C LEU B 241 17.02 -5.50 -2.10
N ARG B 242 15.89 -5.39 -2.80
CA ARG B 242 14.62 -5.30 -2.08
C ARG B 242 14.24 -6.63 -1.46
N ALA B 243 14.65 -7.75 -2.08
CA ALA B 243 14.50 -9.05 -1.42
C ALA B 243 15.33 -9.12 -0.15
N LEU B 244 16.57 -8.65 -0.22
CA LEU B 244 17.41 -8.54 0.98
C LEU B 244 16.83 -7.56 1.99
N ASP B 245 15.91 -6.69 1.56
CA ASP B 245 15.24 -5.74 2.43
C ASP B 245 13.90 -6.25 2.94
N GLY B 246 13.56 -7.51 2.67
CA GLY B 246 12.26 -8.04 3.00
C GLY B 246 11.47 -8.35 1.75
N ASP B 247 10.34 -7.66 1.56
CA ASP B 247 9.63 -7.63 0.27
C ASP B 247 9.28 -9.04 -0.21
N GLY B 248 8.34 -9.66 0.51
CA GLY B 248 7.99 -11.04 0.24
C GLY B 248 7.23 -11.25 -1.06
N ASP B 249 7.40 -10.34 -2.02
CA ASP B 249 6.84 -10.49 -3.36
C ASP B 249 7.91 -10.56 -4.43
N VAL B 250 9.17 -10.79 -4.04
CA VAL B 250 10.29 -10.75 -4.99
C VAL B 250 10.35 -12.11 -5.70
N TYR B 251 9.90 -12.12 -6.95
CA TYR B 251 10.05 -13.27 -7.84
C TYR B 251 10.83 -12.81 -9.06
N GLU B 252 11.84 -13.60 -9.46
CA GLU B 252 12.67 -13.21 -10.58
C GLU B 252 13.24 -14.45 -11.26
N CYS B 253 13.38 -14.37 -12.57
CA CYS B 253 13.92 -15.48 -13.36
C CYS B 253 15.44 -15.37 -13.38
N SER B 254 16.11 -16.37 -12.83
CA SER B 254 17.56 -16.38 -12.73
C SER B 254 18.09 -17.75 -13.10
N PHE B 255 19.40 -17.79 -13.37
CA PHE B 255 20.11 -19.03 -13.70
C PHE B 255 20.86 -19.47 -12.45
N VAL B 256 20.38 -20.54 -11.81
CA VAL B 256 20.93 -21.00 -10.55
C VAL B 256 21.12 -22.51 -10.62
N GLU B 257 21.96 -23.03 -9.72
CA GLU B 257 22.15 -24.47 -9.59
C GLU B 257 20.88 -25.05 -8.99
N SER B 258 20.02 -25.60 -9.85
CA SER B 258 18.71 -26.10 -9.45
C SER B 258 18.64 -27.59 -9.73
N THR B 259 18.19 -28.36 -8.75
CA THR B 259 17.94 -29.78 -8.91
C THR B 259 16.56 -30.06 -9.49
N LEU B 260 15.93 -29.05 -10.10
CA LEU B 260 14.61 -29.24 -10.70
C LEU B 260 14.67 -30.21 -11.88
N THR B 261 15.83 -30.34 -12.51
CA THR B 261 16.00 -31.25 -13.64
C THR B 261 17.32 -32.00 -13.47
N ASP B 262 17.62 -32.84 -14.47
CA ASP B 262 18.87 -33.57 -14.51
C ASP B 262 20.06 -32.62 -14.68
N LEU B 263 19.84 -31.46 -15.31
CA LEU B 263 20.91 -30.51 -15.55
C LEU B 263 21.29 -29.82 -14.25
N PRO B 264 22.57 -29.82 -13.88
CA PRO B 264 22.95 -29.22 -12.58
C PRO B 264 22.58 -27.76 -12.44
N PHE B 265 22.58 -27.00 -13.52
CA PHE B 265 22.24 -25.58 -13.48
C PHE B 265 21.10 -25.32 -14.45
N PHE B 266 20.13 -24.52 -14.00
CA PHE B 266 18.94 -24.26 -14.80
C PHE B 266 18.47 -22.84 -14.52
N ALA B 267 17.76 -22.28 -15.49
CA ALA B 267 17.17 -20.95 -15.37
C ALA B 267 15.68 -21.11 -15.12
N SER B 268 15.20 -20.43 -14.08
CA SER B 268 13.79 -20.53 -13.72
C SER B 268 13.42 -19.35 -12.85
N ARG B 269 12.11 -19.17 -12.66
CA ARG B 269 11.61 -18.13 -11.77
C ARG B 269 11.72 -18.62 -10.33
N VAL B 270 12.44 -17.87 -9.50
CA VAL B 270 12.66 -18.23 -8.11
C VAL B 270 12.22 -17.06 -7.24
N LYS B 271 11.88 -17.38 -5.99
CA LYS B 271 11.55 -16.38 -4.99
C LYS B 271 12.81 -16.07 -4.20
N ILE B 272 13.09 -14.79 -4.00
CA ILE B 272 14.31 -14.35 -3.34
C ILE B 272 13.96 -13.74 -2.01
N GLY B 273 14.60 -14.22 -0.95
CA GLY B 273 14.48 -13.67 0.38
C GLY B 273 15.83 -13.28 0.93
N LYS B 274 15.88 -12.89 2.21
CA LYS B 274 17.07 -12.29 2.78
C LYS B 274 18.29 -13.20 2.73
N ASN B 275 18.08 -14.52 2.57
CA ASN B 275 19.19 -15.46 2.53
C ASN B 275 19.43 -16.06 1.15
N GLY B 276 18.68 -15.62 0.13
CA GLY B 276 18.90 -16.07 -1.23
C GLY B 276 17.65 -16.69 -1.82
N LEU B 277 17.80 -17.90 -2.38
CA LEU B 277 16.67 -18.60 -2.99
C LEU B 277 15.75 -19.13 -1.89
N GLU B 278 14.74 -18.35 -1.54
CA GLU B 278 13.77 -18.80 -0.54
C GLU B 278 13.04 -20.05 -1.01
N ALA B 279 12.64 -20.09 -2.28
CA ALA B 279 11.98 -21.24 -2.85
C ALA B 279 12.16 -21.21 -4.37
N VAL B 280 11.96 -22.37 -4.99
CA VAL B 280 12.06 -22.51 -6.44
C VAL B 280 10.68 -22.93 -6.96
N ILE B 281 10.17 -22.18 -7.93
CA ILE B 281 8.84 -22.44 -8.49
C ILE B 281 8.98 -23.63 -9.45
N GLU B 282 8.66 -24.82 -8.96
CA GLU B 282 8.78 -26.02 -9.80
C GLU B 282 7.68 -26.09 -10.85
N SER B 283 6.53 -25.47 -10.58
CA SER B 283 5.42 -25.48 -11.53
C SER B 283 5.80 -24.90 -12.88
N ASP B 284 6.94 -24.23 -12.98
CA ASP B 284 7.43 -23.75 -14.27
C ASP B 284 7.61 -24.88 -15.27
N LEU B 285 7.81 -26.11 -14.78
CA LEU B 285 7.92 -27.27 -15.67
C LEU B 285 6.71 -28.18 -15.56
N GLN B 286 5.56 -27.67 -15.13
CA GLN B 286 4.33 -28.44 -15.04
C GLN B 286 3.25 -27.72 -15.84
N GLY B 287 2.56 -28.47 -16.68
CA GLY B 287 1.53 -27.90 -17.53
C GLY B 287 2.02 -27.32 -18.83
N LEU B 288 3.28 -27.54 -19.19
CA LEU B 288 3.81 -26.99 -20.43
C LEU B 288 3.16 -27.65 -21.65
N THR B 289 2.98 -26.85 -22.69
CA THR B 289 2.36 -27.32 -23.92
C THR B 289 3.32 -28.24 -24.67
N GLU B 290 2.84 -28.81 -25.78
CA GLU B 290 3.66 -29.74 -26.55
C GLU B 290 4.90 -29.05 -27.12
N TYR B 291 4.74 -27.85 -27.68
CA TYR B 291 5.88 -27.12 -28.21
C TYR B 291 6.86 -26.77 -27.11
N GLU B 292 6.36 -26.32 -25.96
CA GLU B 292 7.24 -25.98 -24.85
C GLU B 292 8.02 -27.19 -24.35
N GLN B 293 7.35 -28.34 -24.24
CA GLN B 293 8.03 -29.55 -23.80
C GLN B 293 9.06 -30.01 -24.82
N LYS B 294 8.73 -29.92 -26.11
CA LYS B 294 9.68 -30.30 -27.15
C LYS B 294 10.91 -29.42 -27.12
N ALA B 295 10.72 -28.11 -26.97
CA ALA B 295 11.86 -27.20 -26.88
C ALA B 295 12.67 -27.46 -25.61
N LEU B 296 11.99 -27.74 -24.51
CA LEU B 296 12.69 -28.06 -23.26
C LEU B 296 13.56 -29.29 -23.42
N GLU B 297 13.03 -30.33 -24.06
CA GLU B 297 13.82 -31.54 -24.29
C GLU B 297 14.94 -31.31 -25.28
N ALA B 298 14.72 -30.46 -26.27
CA ALA B 298 15.77 -30.16 -27.25
C ALA B 298 16.93 -29.41 -26.61
N LEU B 299 16.64 -28.46 -25.72
CA LEU B 299 17.69 -27.63 -25.15
C LEU B 299 18.52 -28.35 -24.10
N LYS B 300 18.12 -29.55 -23.66
CA LYS B 300 18.87 -30.24 -22.62
C LYS B 300 20.28 -30.55 -23.07
N VAL B 301 20.45 -31.05 -24.28
CA VAL B 301 21.78 -31.44 -24.75
C VAL B 301 22.69 -30.23 -24.88
N GLU B 302 22.16 -29.11 -25.40
CA GLU B 302 22.99 -27.92 -25.56
C GLU B 302 23.36 -27.32 -24.20
N LEU B 303 22.40 -27.24 -23.28
CA LEU B 303 22.70 -26.71 -21.95
C LEU B 303 23.70 -27.60 -21.23
N LYS B 304 23.55 -28.92 -21.37
CA LYS B 304 24.50 -29.85 -20.74
C LYS B 304 25.88 -29.70 -21.36
N ALA B 305 25.94 -29.48 -22.68
CA ALA B 305 27.23 -29.27 -23.32
C ALA B 305 27.91 -28.00 -22.82
N SER B 306 27.13 -26.92 -22.66
CA SER B 306 27.71 -25.69 -22.12
C SER B 306 28.19 -25.87 -20.69
N ILE B 307 27.40 -26.56 -19.87
CA ILE B 307 27.81 -26.83 -18.50
C ILE B 307 29.05 -27.72 -18.47
N ASP B 308 29.16 -28.65 -19.41
CA ASP B 308 30.34 -29.50 -19.50
C ASP B 308 31.57 -28.68 -19.88
N LYS B 309 31.43 -27.74 -20.82
CA LYS B 309 32.52 -26.83 -21.12
C LYS B 309 32.93 -26.06 -19.88
N GLY B 310 31.95 -25.58 -19.12
CA GLY B 310 32.26 -24.84 -17.91
C GLY B 310 33.02 -25.67 -16.90
N VAL B 311 32.58 -26.92 -16.66
CA VAL B 311 33.21 -27.73 -15.64
C VAL B 311 34.61 -28.15 -16.09
N ALA B 312 34.77 -28.45 -17.39
CA ALA B 312 36.08 -28.78 -17.90
C ALA B 312 37.05 -27.61 -17.74
N PHE B 313 36.59 -26.39 -18.06
CA PHE B 313 37.47 -25.23 -17.90
C PHE B 313 37.80 -24.97 -16.44
N ALA B 314 36.83 -25.13 -15.54
CA ALA B 314 37.09 -24.85 -14.13
C ALA B 314 37.99 -25.89 -13.50
N ASN B 315 37.88 -27.16 -13.90
CA ASN B 315 38.73 -28.21 -13.36
C ASN B 315 40.04 -28.36 -14.11
N LYS B 316 40.21 -27.65 -15.22
CA LYS B 316 41.46 -27.69 -15.97
C LYS B 316 42.57 -26.97 -15.19
N MET C 2 -17.19 9.14 15.79
CA MET C 2 -17.58 8.96 14.40
C MET C 2 -16.78 7.85 13.74
N ASN C 3 -15.45 7.88 13.95
CA ASN C 3 -14.56 6.86 13.40
C ASN C 3 -14.49 5.70 14.39
N LEU C 4 -15.58 4.92 14.42
CA LEU C 4 -15.68 3.79 15.31
C LEU C 4 -15.16 2.49 14.71
N ASN C 5 -14.93 2.44 13.40
CA ASN C 5 -14.23 1.31 12.79
C ASN C 5 -12.76 1.29 13.17
N GLU C 6 -12.26 2.35 13.80
CA GLU C 6 -10.86 2.52 14.10
C GLU C 6 -10.56 2.01 15.51
N TYR C 7 -9.32 1.61 15.74
CA TYR C 7 -8.91 1.14 17.06
C TYR C 7 -7.41 1.30 17.24
N MET C 8 -7.02 1.63 18.45
CA MET C 8 -5.62 1.85 18.81
C MET C 8 -5.11 0.66 19.62
N VAL C 9 -3.93 0.15 19.24
CA VAL C 9 -3.33 -0.98 19.92
C VAL C 9 -1.84 -0.69 20.13
N THR C 10 -1.34 -1.01 21.32
CA THR C 10 0.06 -0.85 21.65
C THR C 10 0.74 -2.20 21.63
N LEU C 11 1.81 -2.32 20.85
CA LEU C 11 2.53 -3.58 20.69
C LEU C 11 4.01 -3.37 20.99
N GLU C 12 4.59 -4.30 21.74
CA GLU C 12 6.03 -4.30 21.95
C GLU C 12 6.73 -5.00 20.80
N LYS C 13 7.92 -4.54 20.47
CA LYS C 13 8.67 -5.15 19.39
C LYS C 13 9.08 -6.56 19.78
N PRO C 14 9.07 -7.52 18.84
CA PRO C 14 8.74 -7.37 17.42
C PRO C 14 7.24 -7.24 17.16
N LEU C 15 6.86 -6.43 16.18
CA LEU C 15 5.44 -6.25 15.86
C LEU C 15 4.82 -7.54 15.35
N GLY C 16 5.53 -8.29 14.50
CA GLY C 16 5.02 -9.53 13.98
C GLY C 16 3.93 -9.38 12.95
N ILE C 17 3.91 -8.28 12.22
CA ILE C 17 2.89 -7.99 11.21
C ILE C 17 3.57 -7.80 9.87
N ARG C 18 3.04 -8.45 8.84
CA ARG C 18 3.46 -8.21 7.46
C ARG C 18 2.47 -7.24 6.82
N PHE C 19 2.97 -6.10 6.35
CA PHE C 19 2.13 -5.08 5.76
C PHE C 19 2.14 -5.19 4.25
N ALA C 20 1.04 -4.76 3.63
CA ALA C 20 0.88 -4.84 2.18
C ALA C 20 0.48 -3.46 1.67
N LEU C 21 1.39 -2.80 0.95
CA LEU C 21 1.11 -1.54 0.31
C LEU C 21 0.44 -1.83 -1.04
N SER C 22 -0.81 -1.41 -1.18
CA SER C 22 -1.59 -1.63 -2.38
C SER C 22 -1.60 -0.38 -3.25
N ALA C 23 -2.14 -0.53 -4.47
CA ALA C 23 -2.17 0.60 -5.39
C ALA C 23 -3.36 1.50 -5.10
N ASP C 24 -3.56 1.85 -3.83
CA ASP C 24 -4.54 2.83 -3.39
C ASP C 24 -3.97 3.77 -2.34
N GLY C 25 -2.73 3.56 -1.91
CA GLY C 25 -2.16 4.30 -0.82
C GLY C 25 -2.41 3.72 0.55
N LYS C 26 -3.34 2.76 0.65
CA LYS C 26 -3.70 2.17 1.93
C LYS C 26 -2.78 1.00 2.25
N ILE C 27 -2.18 1.01 3.43
CA ILE C 27 -1.26 -0.03 3.87
C ILE C 27 -2.07 -1.03 4.68
N PHE C 28 -2.41 -2.15 4.07
CA PHE C 28 -3.16 -3.20 4.74
C PHE C 28 -2.28 -3.95 5.75
N VAL C 29 -2.87 -4.95 6.38
CA VAL C 29 -2.13 -5.95 7.13
C VAL C 29 -2.24 -7.26 6.38
N HIS C 30 -1.10 -7.82 5.98
CA HIS C 30 -1.09 -8.96 5.06
C HIS C 30 -1.12 -10.29 5.81
N ALA C 31 -0.26 -10.45 6.81
CA ALA C 31 -0.21 -11.69 7.57
C ALA C 31 0.30 -11.40 8.97
N ILE C 32 0.04 -12.32 9.88
CA ILE C 32 0.44 -12.20 11.29
C ILE C 32 1.31 -13.40 11.62
N LYS C 33 2.45 -13.16 12.28
CA LYS C 33 3.34 -14.23 12.67
C LYS C 33 2.78 -14.94 13.89
N LYS C 34 2.78 -16.28 13.86
CA LYS C 34 2.27 -17.07 14.96
C LYS C 34 3.08 -16.82 16.23
N GLY C 35 2.38 -16.69 17.35
CA GLY C 35 3.03 -16.49 18.63
C GLY C 35 3.58 -15.09 18.86
N SER C 36 3.28 -14.14 17.98
CA SER C 36 3.81 -12.79 18.13
C SER C 36 2.90 -11.95 19.03
N ASN C 37 3.34 -10.71 19.29
CA ASN C 37 2.54 -9.81 20.11
C ASN C 37 1.23 -9.45 19.42
N ALA C 38 1.27 -9.20 18.12
CA ALA C 38 0.04 -8.98 17.37
C ALA C 38 -0.83 -10.23 17.33
N GLU C 39 -0.22 -11.41 17.41
CA GLU C 39 -0.99 -12.64 17.52
C GLU C 39 -1.70 -12.71 18.86
N LYS C 40 -1.01 -12.30 19.94
CA LYS C 40 -1.63 -12.27 21.27
C LYS C 40 -2.78 -11.26 21.31
N ALA C 41 -2.59 -10.08 20.73
CA ALA C 41 -3.63 -9.06 20.67
C ALA C 41 -4.62 -9.47 19.59
N ARG C 42 -5.70 -10.14 20.01
CA ARG C 42 -6.65 -10.73 19.07
C ARG C 42 -7.47 -9.71 18.31
N ILE C 43 -7.25 -8.40 18.52
CA ILE C 43 -8.06 -7.41 17.82
C ILE C 43 -7.51 -7.12 16.44
N ILE C 44 -6.21 -7.35 16.21
CA ILE C 44 -5.58 -7.04 14.93
C ILE C 44 -5.92 -8.17 13.95
N MET C 45 -6.73 -7.85 12.95
CA MET C 45 -7.12 -8.81 11.94
C MET C 45 -6.27 -8.61 10.68
N VAL C 46 -6.60 -9.33 9.62
CA VAL C 46 -5.90 -9.23 8.35
C VAL C 46 -6.77 -8.44 7.38
N GLY C 47 -6.19 -7.40 6.78
CA GLY C 47 -6.92 -6.50 5.92
C GLY C 47 -7.31 -5.19 6.57
N ASP C 48 -7.00 -5.01 7.86
CA ASP C 48 -7.29 -3.76 8.55
C ASP C 48 -6.27 -2.71 8.12
N THR C 49 -6.77 -1.60 7.58
CA THR C 49 -5.88 -0.55 7.11
C THR C 49 -5.08 0.02 8.28
N LEU C 50 -3.85 0.44 8.02
CA LEU C 50 -3.04 1.09 9.04
C LEU C 50 -3.07 2.59 8.78
N LYS C 51 -3.71 3.34 9.68
CA LYS C 51 -3.92 4.77 9.49
C LYS C 51 -2.80 5.60 10.09
N LYS C 52 -2.45 5.35 11.35
CA LYS C 52 -1.43 6.11 12.04
C LYS C 52 -0.49 5.14 12.74
N ALA C 53 0.63 5.68 13.22
CA ALA C 53 1.62 4.87 13.93
C ALA C 53 2.45 5.77 14.83
N SER C 54 3.16 5.14 15.76
CA SER C 54 3.97 5.84 16.76
C SER C 54 5.44 5.43 16.61
N ASP C 55 6.25 5.86 17.58
CA ASP C 55 7.68 5.62 17.60
C ASP C 55 8.05 4.78 18.81
N SER C 56 9.36 4.65 19.05
CA SER C 56 9.84 3.80 20.14
C SER C 56 9.35 4.28 21.50
N SER C 57 9.38 5.58 21.73
CA SER C 57 8.94 6.14 23.00
C SER C 57 7.45 6.45 23.03
N GLY C 58 6.73 6.15 21.95
CA GLY C 58 5.32 6.47 21.86
C GLY C 58 5.08 7.78 21.16
N GLY C 59 5.88 8.79 21.50
CA GLY C 59 5.89 10.08 20.84
C GLY C 59 4.53 10.64 20.44
N THR C 60 4.38 10.94 19.15
CA THR C 60 3.13 11.45 18.60
C THR C 60 2.63 10.49 17.54
N LEU C 61 1.30 10.35 17.49
CA LEU C 61 0.65 9.31 16.70
C LEU C 61 0.52 9.80 15.26
N VAL C 62 1.65 9.78 14.54
CA VAL C 62 1.72 10.41 13.23
C VAL C 62 0.96 9.59 12.21
N GLU C 63 0.21 10.29 11.34
CA GLU C 63 -0.48 9.65 10.23
C GLU C 63 0.52 9.09 9.24
N ILE C 64 0.18 7.95 8.63
CA ILE C 64 1.02 7.28 7.64
C ILE C 64 0.38 7.47 6.27
N LYS C 65 1.16 8.02 5.34
CA LYS C 65 0.69 8.30 3.98
C LYS C 65 1.15 7.26 2.97
N ASP C 66 2.41 6.84 3.04
CA ASP C 66 2.94 5.86 2.10
C ASP C 66 4.05 5.07 2.80
N PHE C 67 4.86 4.37 1.99
CA PHE C 67 5.90 3.51 2.53
C PHE C 67 6.95 4.32 3.30
N GLY C 68 7.09 5.61 3.00
CA GLY C 68 8.10 6.41 3.65
C GLY C 68 7.90 6.53 5.15
N ASP C 69 6.66 6.72 5.59
CA ASP C 69 6.39 6.82 7.02
C ASP C 69 6.65 5.49 7.72
N THR C 70 6.23 4.39 7.11
CA THR C 70 6.39 3.08 7.74
C THR C 70 7.83 2.59 7.71
N LYS C 71 8.66 3.13 6.83
CA LYS C 71 10.06 2.71 6.77
C LYS C 71 10.78 2.98 8.09
N LYS C 72 10.58 4.17 8.66
CA LYS C 72 11.22 4.49 9.93
C LYS C 72 10.71 3.60 11.04
N MET C 73 9.40 3.30 11.05
CA MET C 73 8.84 2.43 12.07
C MET C 73 9.41 1.02 11.98
N LEU C 74 9.56 0.49 10.76
CA LEU C 74 10.04 -0.88 10.59
C LEU C 74 11.55 -1.00 10.72
N VAL C 75 12.30 0.09 10.53
CA VAL C 75 13.75 0.03 10.68
C VAL C 75 14.12 -0.29 12.13
N GLU C 76 13.42 0.31 13.08
CA GLU C 76 13.71 0.09 14.49
C GLU C 76 13.39 -1.34 14.89
N LYS C 77 13.98 -1.78 16.00
CA LYS C 77 13.85 -3.16 16.45
C LYS C 77 13.43 -3.30 17.91
N THR C 78 13.51 -2.24 18.71
CA THR C 78 13.18 -2.31 20.13
C THR C 78 12.30 -1.13 20.50
N GLY C 79 11.24 -1.39 21.25
CA GLY C 79 10.38 -0.33 21.72
C GLY C 79 8.93 -0.78 21.75
N SER C 80 8.06 0.15 22.12
CA SER C 80 6.62 -0.06 22.13
C SER C 80 6.00 0.92 21.14
N PHE C 81 5.26 0.39 20.17
CA PHE C 81 4.66 1.19 19.11
C PHE C 81 3.14 1.19 19.24
N SER C 82 2.54 2.36 19.10
CA SER C 82 1.09 2.50 19.10
C SER C 82 0.61 2.62 17.66
N LEU C 83 -0.29 1.72 17.26
CA LEU C 83 -0.78 1.64 15.89
C LEU C 83 -2.28 1.86 15.89
N VAL C 84 -2.75 2.68 14.97
CA VAL C 84 -4.18 2.89 14.76
C VAL C 84 -4.56 2.13 13.49
N LEU C 85 -5.49 1.21 13.63
CA LEU C 85 -5.98 0.42 12.51
C LEU C 85 -7.44 0.72 12.25
N GLU C 86 -7.83 0.59 10.99
CA GLU C 86 -9.19 0.85 10.55
C GLU C 86 -9.76 -0.45 10.00
N ARG C 87 -10.78 -0.96 10.67
CA ARG C 87 -11.46 -2.16 10.19
C ARG C 87 -12.19 -1.85 8.89
N PRO C 88 -12.06 -2.71 7.88
CA PRO C 88 -12.77 -2.47 6.62
C PRO C 88 -14.27 -2.42 6.81
N PHE C 89 -14.96 -1.65 5.97
CA PHE C 89 -16.41 -1.52 6.06
C PHE C 89 -17.09 -2.88 5.92
N SER C 90 -16.61 -3.70 4.98
CA SER C 90 -17.01 -5.09 4.83
C SER C 90 -15.81 -5.97 5.19
N PRO C 91 -16.06 -7.17 5.74
CA PRO C 91 -14.92 -8.01 6.17
C PRO C 91 -13.99 -8.32 5.01
N PHE C 92 -12.69 -8.34 5.31
CA PHE C 92 -11.67 -8.52 4.28
C PHE C 92 -11.74 -9.93 3.70
N PRO C 93 -11.84 -10.07 2.39
CA PRO C 93 -11.82 -11.42 1.80
C PRO C 93 -10.43 -12.03 1.76
N ILE C 94 -10.01 -12.67 2.85
CA ILE C 94 -8.72 -13.35 2.89
C ILE C 94 -8.77 -14.59 1.98
N GLN C 95 -9.94 -14.84 1.40
CA GLN C 95 -10.04 -15.88 0.38
C GLN C 95 -9.11 -15.58 -0.79
N TYR C 96 -9.03 -14.32 -1.21
CA TYR C 96 -8.11 -13.93 -2.26
C TYR C 96 -6.65 -14.09 -1.83
N LEU C 97 -6.34 -13.77 -0.57
CA LEU C 97 -4.99 -13.97 -0.09
C LEU C 97 -4.60 -15.45 -0.10
N LEU C 98 -5.54 -16.31 0.30
CA LEU C 98 -5.28 -17.75 0.27
C LEU C 98 -5.12 -18.26 -1.16
N HIS C 99 -5.98 -17.81 -2.07
CA HIS C 99 -6.00 -18.37 -3.42
C HIS C 99 -4.90 -17.78 -4.30
N LEU C 100 -4.97 -16.48 -4.54
CA LEU C 100 -4.03 -15.83 -5.45
C LEU C 100 -2.62 -15.83 -4.86
N SER C 101 -1.63 -16.12 -5.69
CA SER C 101 -0.25 -16.11 -5.26
C SER C 101 0.27 -14.67 -5.18
N ASP C 102 1.42 -14.51 -4.52
CA ASP C 102 1.99 -13.18 -4.35
C ASP C 102 2.36 -12.55 -5.69
N LEU C 103 2.62 -13.37 -6.71
CA LEU C 103 2.88 -12.85 -8.04
C LEU C 103 1.59 -12.36 -8.69
N ASP C 104 0.47 -13.03 -8.43
CA ASP C 104 -0.80 -12.62 -9.02
C ASP C 104 -1.21 -11.23 -8.53
N LEU C 105 -1.03 -10.97 -7.24
CA LEU C 105 -1.40 -9.68 -6.65
C LEU C 105 -0.18 -8.75 -6.60
N LEU C 106 0.25 -8.34 -7.80
CA LEU C 106 1.36 -7.42 -7.95
C LEU C 106 0.96 -6.30 -8.89
N TYR C 107 1.48 -5.11 -8.64
CA TYR C 107 1.17 -3.95 -9.46
C TYR C 107 2.13 -3.83 -10.64
N ASN C 108 3.42 -3.71 -10.36
CA ASN C 108 4.44 -3.72 -11.40
C ASN C 108 4.92 -5.15 -11.59
N ARG C 109 4.17 -5.93 -12.37
CA ARG C 109 4.58 -7.29 -12.66
C ARG C 109 5.76 -7.31 -13.60
N GLY C 110 5.58 -6.76 -14.80
CA GLY C 110 6.72 -6.41 -15.63
C GLY C 110 7.30 -5.11 -15.10
N ARG C 111 8.48 -5.18 -14.50
CA ARG C 111 9.00 -4.06 -13.71
C ARG C 111 9.42 -2.93 -14.65
N VAL C 112 8.41 -2.19 -15.11
CA VAL C 112 8.64 -1.05 -15.98
C VAL C 112 9.47 -0.02 -15.24
N SER C 113 10.52 0.47 -15.90
CA SER C 113 11.40 1.43 -15.26
C SER C 113 10.70 2.78 -15.10
N PHE C 114 11.11 3.50 -14.06
CA PHE C 114 10.59 4.84 -13.76
C PHE C 114 11.77 5.66 -13.26
N VAL C 115 12.22 6.59 -14.09
CA VAL C 115 13.26 7.54 -13.72
C VAL C 115 12.60 8.90 -13.56
N THR C 116 12.75 9.50 -12.38
CA THR C 116 12.06 10.75 -12.13
C THR C 116 12.89 11.65 -11.23
N TRP C 117 12.68 12.96 -11.40
CA TRP C 117 13.23 13.97 -10.52
C TRP C 117 12.15 14.75 -9.79
N ASN C 118 10.89 14.53 -10.11
CA ASN C 118 9.78 15.25 -9.50
C ASN C 118 9.49 14.65 -8.13
N LYS C 119 9.72 15.44 -7.07
CA LYS C 119 9.51 14.95 -5.71
C LYS C 119 8.05 14.61 -5.45
N ASN C 120 7.11 15.19 -6.18
CA ASN C 120 5.71 14.85 -6.02
C ASN C 120 5.39 13.44 -6.49
N LEU C 121 6.31 12.79 -7.19
CA LEU C 121 6.13 11.42 -7.63
C LEU C 121 6.88 10.41 -6.76
N LEU C 122 7.84 10.85 -5.96
CA LEU C 122 8.60 9.98 -5.08
C LEU C 122 7.91 9.90 -3.72
N SER C 123 7.86 8.68 -3.17
CA SER C 123 7.21 8.46 -1.89
C SER C 123 7.91 9.26 -0.79
N SER C 124 7.28 9.32 0.37
CA SER C 124 7.75 10.22 1.42
C SER C 124 8.94 9.63 2.16
N ASN C 125 9.92 9.15 1.40
CA ASN C 125 11.26 8.88 1.91
C ASN C 125 12.32 9.36 0.93
N LEU C 126 11.91 9.77 -0.28
CA LEU C 126 12.80 10.33 -1.28
C LEU C 126 12.36 11.71 -1.73
N ARG C 127 11.70 12.49 -0.86
CA ARG C 127 11.14 13.78 -1.27
C ARG C 127 12.06 14.93 -0.85
N ALA C 128 12.33 15.02 0.45
CA ALA C 128 13.12 16.07 1.11
C ALA C 128 12.33 17.39 1.18
N SER C 129 11.22 17.46 0.46
CA SER C 129 10.13 18.42 0.68
C SER C 129 10.61 19.77 1.19
N SER C 130 11.47 20.43 0.41
CA SER C 130 12.10 21.66 0.88
C SER C 130 11.61 22.90 0.15
N GLN C 131 11.86 23.01 -1.16
CA GLN C 131 11.43 24.19 -1.90
C GLN C 131 10.57 23.86 -3.12
N GLY C 132 11.03 22.93 -3.96
CA GLY C 132 10.37 22.68 -5.22
C GLY C 132 10.37 21.23 -5.63
N SER C 133 10.12 20.95 -6.91
CA SER C 133 9.92 19.59 -7.38
C SER C 133 11.23 18.81 -7.46
N GLY C 134 11.85 18.54 -6.32
CA GLY C 134 12.95 17.61 -6.24
C GLY C 134 14.26 18.17 -6.77
N ASN C 135 15.34 17.56 -6.30
CA ASN C 135 16.70 17.88 -6.73
C ASN C 135 17.40 16.70 -7.39
N SER C 136 17.24 15.51 -6.84
CA SER C 136 17.87 14.30 -7.37
C SER C 136 16.81 13.38 -7.97
N GLY C 137 17.23 12.62 -8.96
CA GLY C 137 16.33 11.70 -9.65
C GLY C 137 16.70 10.27 -9.35
N TYR C 138 15.68 9.41 -9.31
CA TYR C 138 15.85 8.00 -9.02
C TYR C 138 15.31 7.18 -10.18
N ALA C 139 16.00 6.08 -10.47
CA ALA C 139 15.59 5.07 -11.45
C ALA C 139 15.18 3.83 -10.65
N ALA C 140 13.88 3.58 -10.59
CA ALA C 140 13.35 2.46 -9.83
C ALA C 140 12.46 1.60 -10.71
N PHE C 141 12.40 0.31 -10.38
CA PHE C 141 11.58 -0.63 -11.10
C PHE C 141 10.37 -1.11 -10.32
N SER C 142 10.49 -1.25 -9.00
CA SER C 142 9.35 -1.56 -8.16
C SER C 142 8.54 -0.29 -7.91
N SER C 143 7.22 -0.39 -8.04
CA SER C 143 6.34 0.75 -7.87
C SER C 143 6.13 1.12 -6.39
N LYS C 144 6.89 0.52 -5.48
CA LYS C 144 6.78 0.84 -4.06
C LYS C 144 7.51 2.12 -3.68
N PHE C 145 8.35 2.65 -4.56
CA PHE C 145 9.13 3.85 -4.26
C PHE C 145 8.44 5.13 -4.71
N PHE C 146 7.20 5.06 -5.17
CA PHE C 146 6.52 6.20 -5.74
C PHE C 146 5.15 6.39 -5.09
N THR C 147 4.61 7.59 -5.28
CA THR C 147 3.30 7.94 -4.75
C THR C 147 2.19 7.46 -5.68
N PRO C 148 0.95 7.46 -5.20
CA PRO C 148 -0.17 7.12 -6.10
C PRO C 148 -0.25 8.00 -7.33
N GLN C 149 0.20 9.26 -7.24
CA GLN C 149 0.30 10.08 -8.44
C GLN C 149 1.31 9.50 -9.42
N GLY C 150 2.45 9.02 -8.91
CA GLY C 150 3.41 8.36 -9.77
C GLY C 150 2.85 7.09 -10.41
N TRP C 151 2.09 6.31 -9.64
CA TRP C 151 1.47 5.12 -10.20
C TRP C 151 0.44 5.47 -11.27
N LYS C 152 -0.33 6.54 -11.05
CA LYS C 152 -1.29 6.99 -12.05
C LYS C 152 -0.58 7.45 -13.31
N LEU C 153 0.56 8.14 -13.16
CA LEU C 153 1.36 8.51 -14.31
C LEU C 153 1.83 7.26 -15.06
N LEU C 154 2.23 6.24 -14.31
CA LEU C 154 2.65 4.98 -14.93
C LEU C 154 1.51 4.37 -15.74
N ASN C 155 0.30 4.39 -15.19
CA ASN C 155 -0.87 3.90 -15.92
C ASN C 155 -1.22 4.84 -17.06
N ILE C 174 -10.10 -6.83 -4.12
CA ILE C 174 -8.87 -6.30 -3.53
C ILE C 174 -8.01 -5.66 -4.60
N SER C 175 -7.56 -4.43 -4.34
CA SER C 175 -6.72 -3.72 -5.30
C SER C 175 -5.35 -4.38 -5.40
N PRO C 176 -4.68 -4.25 -6.54
CA PRO C 176 -3.33 -4.82 -6.68
C PRO C 176 -2.37 -4.20 -5.69
N LEU C 177 -1.46 -5.04 -5.18
CA LEU C 177 -0.50 -4.63 -4.15
C LEU C 177 0.81 -4.24 -4.81
N VAL C 178 1.32 -3.06 -4.46
CA VAL C 178 2.60 -2.62 -5.01
C VAL C 178 3.78 -3.18 -4.22
N SER C 179 3.57 -3.57 -2.97
CA SER C 179 4.65 -4.19 -2.20
C SER C 179 4.05 -4.97 -1.03
N VAL C 180 4.82 -5.93 -0.54
CA VAL C 180 4.46 -6.73 0.62
C VAL C 180 5.70 -6.75 1.51
N PHE C 181 5.75 -5.86 2.50
CA PHE C 181 6.94 -5.63 3.30
C PHE C 181 6.72 -6.08 4.73
N SER C 182 7.81 -6.14 5.48
CA SER C 182 7.80 -6.57 6.87
C SER C 182 9.04 -6.01 7.56
N GLU C 183 9.32 -6.51 8.76
CA GLU C 183 10.53 -6.16 9.51
C GLU C 183 11.25 -7.44 9.93
N ASP C 184 12.27 -7.29 10.77
CA ASP C 184 13.14 -8.39 11.17
C ASP C 184 12.58 -9.17 12.37
N VAL C 185 11.33 -9.59 12.23
CA VAL C 185 10.64 -10.30 13.31
C VAL C 185 11.35 -11.63 13.60
N PRO C 186 11.81 -11.84 14.83
CA PRO C 186 12.47 -13.12 15.16
C PRO C 186 11.47 -14.21 15.54
N GLY C 187 11.99 -15.35 15.98
CA GLY C 187 11.17 -16.47 16.41
C GLY C 187 10.84 -17.47 15.33
N ASP C 188 11.01 -17.10 14.05
CA ASP C 188 10.74 -17.99 12.92
C ASP C 188 9.32 -18.54 12.97
N GLY C 189 8.38 -17.71 13.40
CA GLY C 189 6.99 -18.11 13.40
C GLY C 189 6.37 -18.05 12.02
N GLU C 190 5.50 -19.02 11.75
CA GLU C 190 4.85 -19.10 10.45
C GLU C 190 3.91 -17.90 10.25
N TRP C 191 3.85 -17.41 9.02
CA TRP C 191 2.96 -16.31 8.68
C TRP C 191 1.58 -16.88 8.39
N GLY C 192 0.63 -16.62 9.30
CA GLY C 192 -0.74 -17.06 9.11
C GLY C 192 -1.72 -15.91 9.17
N TYR C 193 -2.98 -16.23 9.44
CA TYR C 193 -4.06 -15.24 9.44
C TYR C 193 -4.74 -15.12 10.78
N GLY C 194 -4.07 -15.50 11.87
CA GLY C 194 -4.66 -15.44 13.19
C GLY C 194 -4.85 -16.80 13.82
N ASN C 195 -4.93 -16.85 15.16
CA ASN C 195 -5.04 -18.10 15.90
C ASN C 195 -6.51 -18.45 16.13
N PHE C 196 -7.08 -19.12 15.16
CA PHE C 196 -8.47 -19.57 15.23
C PHE C 196 -8.71 -20.61 14.16
N PRO C 197 -9.84 -21.33 14.21
CA PRO C 197 -10.16 -22.28 13.13
C PRO C 197 -10.44 -21.59 11.82
N LEU C 198 -9.35 -21.27 11.12
CA LEU C 198 -9.42 -20.49 9.89
C LEU C 198 -10.35 -21.12 8.86
N GLU C 199 -10.40 -22.46 8.81
CA GLU C 199 -11.32 -23.11 7.88
C GLU C 199 -12.76 -22.76 8.21
N GLU C 200 -13.12 -22.79 9.49
CA GLU C 200 -14.46 -22.39 9.89
C GLU C 200 -14.71 -20.92 9.63
N TYR C 201 -13.67 -20.08 9.80
CA TYR C 201 -13.83 -18.66 9.50
C TYR C 201 -14.18 -18.42 8.04
N ILE C 202 -13.46 -19.08 7.12
CA ILE C 202 -13.79 -18.97 5.70
C ILE C 202 -15.17 -19.56 5.41
N LYS C 203 -15.51 -20.69 6.02
CA LYS C 203 -16.84 -21.26 5.78
C LYS C 203 -17.93 -20.27 6.19
N ALA C 204 -17.73 -19.60 7.33
CA ALA C 204 -18.67 -18.58 7.77
C ALA C 204 -18.70 -17.41 6.80
N LEU C 205 -17.55 -17.04 6.24
CA LEU C 205 -17.51 -15.94 5.29
C LEU C 205 -18.32 -16.25 4.03
N ASP C 206 -18.14 -17.43 3.45
CA ASP C 206 -18.98 -17.80 2.30
C ASP C 206 -20.45 -17.94 2.68
N ARG C 207 -20.75 -18.45 3.88
CA ARG C 207 -22.15 -18.48 4.30
C ARG C 207 -22.73 -17.08 4.38
N SER C 208 -21.95 -16.12 4.88
CA SER C 208 -22.43 -14.74 4.99
C SER C 208 -22.64 -14.11 3.62
N LYS C 209 -21.66 -14.24 2.73
CA LYS C 209 -21.79 -13.63 1.41
C LYS C 209 -22.83 -14.34 0.54
N GLY C 210 -23.13 -15.60 0.83
CA GLY C 210 -24.14 -16.32 0.08
C GLY C 210 -25.51 -16.23 0.72
N ALA D 1 2.21 9.54 -21.29
CA ALA D 1 3.08 9.34 -22.45
C ALA D 1 2.45 9.93 -23.71
N SER D 2 2.57 11.26 -23.86
CA SER D 2 2.01 11.93 -25.03
C SER D 2 2.93 13.02 -25.57
N TYR D 3 4.25 12.89 -25.37
CA TYR D 3 5.20 13.88 -25.85
C TYR D 3 6.37 13.19 -26.54
N LYS D 4 6.97 13.89 -27.48
CA LYS D 4 8.01 13.33 -28.34
C LYS D 4 9.33 14.04 -28.08
N VAL D 5 10.38 13.25 -27.85
CA VAL D 5 11.73 13.74 -27.61
C VAL D 5 12.64 13.21 -28.70
N ALA D 6 13.42 14.09 -29.31
CA ALA D 6 14.41 13.72 -30.31
C ALA D 6 15.80 14.05 -29.79
N VAL D 7 16.76 13.18 -30.12
CA VAL D 7 18.16 13.39 -29.78
C VAL D 7 18.95 13.42 -31.08
N LEU D 8 19.73 14.48 -31.27
CA LEU D 8 20.56 14.64 -32.46
C LEU D 8 22.02 14.46 -32.04
N GLY D 9 22.65 13.41 -32.56
CA GLY D 9 23.96 12.99 -32.07
C GLY D 9 23.79 11.94 -31.00
N ALA D 10 22.88 11.01 -31.24
CA ALA D 10 22.42 10.08 -30.21
C ALA D 10 23.29 8.84 -30.07
N ALA D 11 24.24 8.62 -30.97
CA ALA D 11 25.12 7.47 -30.88
C ALA D 11 26.47 7.78 -30.25
N GLY D 12 26.66 9.01 -29.75
CA GLY D 12 27.92 9.41 -29.16
C GLY D 12 28.06 8.96 -27.73
N GLY D 13 29.07 9.51 -27.06
CA GLY D 13 29.31 9.16 -25.68
C GLY D 13 28.18 9.55 -24.75
N ILE D 14 27.64 10.76 -24.94
CA ILE D 14 26.50 11.21 -24.15
C ILE D 14 25.19 10.67 -24.72
N GLY D 15 25.14 10.45 -26.04
CA GLY D 15 23.90 10.10 -26.69
C GLY D 15 23.28 8.81 -26.19
N GLN D 16 24.10 7.78 -25.96
CA GLN D 16 23.55 6.47 -25.58
C GLN D 16 22.97 6.49 -24.17
N PRO D 17 23.71 6.89 -23.12
CA PRO D 17 23.07 6.99 -21.80
C PRO D 17 21.96 8.00 -21.75
N LEU D 18 22.07 9.11 -22.49
CA LEU D 18 20.98 10.08 -22.52
C LEU D 18 19.72 9.47 -23.11
N SER D 19 19.85 8.73 -24.22
CA SER D 19 18.70 8.08 -24.83
C SER D 19 18.12 7.03 -23.91
N LEU D 20 18.97 6.30 -23.19
CA LEU D 20 18.48 5.32 -22.22
C LEU D 20 17.62 6.00 -21.16
N LEU D 21 18.17 7.02 -20.50
CA LEU D 21 17.44 7.70 -19.44
C LEU D 21 16.18 8.37 -19.96
N ILE D 22 16.21 8.88 -21.19
CA ILE D 22 15.01 9.47 -21.77
C ILE D 22 13.96 8.41 -22.03
N LYS D 23 14.38 7.22 -22.49
CA LYS D 23 13.42 6.17 -22.77
C LYS D 23 12.73 5.69 -21.50
N MET D 24 13.50 5.43 -20.43
CA MET D 24 12.89 5.01 -19.17
C MET D 24 12.30 6.22 -18.45
N SER D 25 11.27 6.79 -19.08
CA SER D 25 10.54 7.92 -18.54
C SER D 25 9.09 7.79 -19.01
N PRO D 26 8.12 7.74 -18.09
CA PRO D 26 6.72 7.59 -18.51
C PRO D 26 6.17 8.80 -19.25
N LEU D 27 6.81 9.96 -19.15
CA LEU D 27 6.36 11.15 -19.86
C LEU D 27 6.66 11.08 -21.35
N VAL D 28 7.61 10.25 -21.77
CA VAL D 28 8.02 10.13 -23.16
C VAL D 28 7.19 9.04 -23.82
N SER D 29 6.65 9.34 -25.01
CA SER D 29 5.93 8.34 -25.78
C SER D 29 6.73 7.84 -26.98
N THR D 30 7.51 8.71 -27.63
CA THR D 30 8.33 8.32 -28.76
C THR D 30 9.66 9.04 -28.67
N LEU D 31 10.75 8.32 -28.90
CA LEU D 31 12.10 8.85 -28.82
C LEU D 31 12.78 8.59 -30.17
N HIS D 32 13.00 9.67 -30.92
CA HIS D 32 13.75 9.57 -32.16
C HIS D 32 15.23 9.74 -31.87
N LEU D 33 16.07 9.09 -32.69
CA LEU D 33 17.50 9.18 -32.54
C LEU D 33 18.14 9.52 -33.88
N TYR D 34 19.20 10.32 -33.83
CA TYR D 34 19.97 10.66 -35.02
C TYR D 34 21.44 10.76 -34.64
N ASP D 35 22.27 10.16 -35.47
CA ASP D 35 23.72 10.37 -35.49
C ASP D 35 24.20 10.00 -36.90
N ILE D 36 25.51 10.17 -37.13
CA ILE D 36 26.06 9.83 -38.44
C ILE D 36 25.91 8.34 -38.70
N ALA D 37 26.20 7.51 -37.71
CA ALA D 37 26.04 6.06 -37.83
C ALA D 37 25.65 5.51 -36.47
N ASN D 38 25.63 4.19 -36.35
CA ASN D 38 25.34 3.44 -35.13
C ASN D 38 23.93 3.71 -34.59
N VAL D 39 23.13 4.51 -35.29
CA VAL D 39 21.78 4.80 -34.82
C VAL D 39 20.93 3.54 -34.83
N LYS D 40 21.06 2.72 -35.88
CA LYS D 40 20.32 1.47 -35.93
C LYS D 40 20.72 0.56 -34.76
N GLY D 41 22.01 0.50 -34.45
CA GLY D 41 22.45 -0.33 -33.35
C GLY D 41 21.90 0.13 -32.02
N VAL D 42 21.97 1.44 -31.76
CA VAL D 42 21.47 1.96 -30.49
C VAL D 42 19.96 1.79 -30.39
N ALA D 43 19.25 1.98 -31.50
CA ALA D 43 17.80 1.83 -31.49
C ALA D 43 17.40 0.38 -31.27
N ALA D 44 18.11 -0.56 -31.89
CA ALA D 44 17.84 -1.98 -31.64
C ALA D 44 18.15 -2.35 -30.20
N ASP D 45 19.23 -1.81 -29.65
CA ASP D 45 19.56 -2.07 -28.25
C ASP D 45 18.48 -1.57 -27.31
N LEU D 46 18.02 -0.32 -27.51
CA LEU D 46 17.05 0.27 -26.61
C LEU D 46 15.64 -0.28 -26.83
N SER D 47 15.33 -0.75 -28.03
CA SER D 47 13.96 -1.15 -28.36
C SER D 47 13.51 -2.39 -27.61
N HIS D 48 14.41 -3.08 -26.91
CA HIS D 48 14.05 -4.28 -26.17
C HIS D 48 13.65 -4.01 -24.73
N CYS D 49 13.96 -2.83 -24.21
CA CYS D 49 13.50 -2.46 -22.87
C CYS D 49 11.98 -2.39 -22.84
N ASN D 50 11.40 -2.74 -21.69
CA ASN D 50 9.95 -2.82 -21.55
C ASN D 50 9.37 -1.54 -20.96
N THR D 51 9.94 -0.39 -21.30
CA THR D 51 9.37 0.89 -20.93
C THR D 51 8.47 1.38 -22.06
N PRO D 52 7.23 1.76 -21.80
CA PRO D 52 6.28 2.12 -22.90
C PRO D 52 6.61 3.43 -23.59
N SER D 53 7.74 3.45 -24.30
CA SER D 53 8.16 4.62 -25.07
C SER D 53 8.89 4.12 -26.30
N GLN D 54 8.27 4.24 -27.46
CA GLN D 54 8.84 3.70 -28.68
C GLN D 54 10.16 4.38 -29.01
N VAL D 55 10.99 3.70 -29.80
CA VAL D 55 12.31 4.19 -30.18
C VAL D 55 12.47 4.06 -31.69
N ARG D 56 12.91 5.14 -32.33
CA ARG D 56 13.08 5.14 -33.78
C ARG D 56 14.47 5.64 -34.15
N ASP D 57 14.95 5.17 -35.30
CA ASP D 57 16.31 5.46 -35.76
C ASP D 57 16.28 6.25 -37.06
N PHE D 58 17.30 7.09 -37.25
CA PHE D 58 17.46 7.91 -38.45
C PHE D 58 18.93 8.20 -38.68
N THR D 59 19.32 8.27 -39.96
CA THR D 59 20.68 8.58 -40.35
C THR D 59 20.66 9.49 -41.59
N GLY D 60 21.53 10.49 -41.59
CA GLY D 60 21.65 11.41 -42.71
C GLY D 60 20.52 12.41 -42.75
N PRO D 61 20.73 13.52 -43.48
CA PRO D 61 19.69 14.56 -43.54
C PRO D 61 18.37 14.08 -44.14
N SER D 62 18.42 13.12 -45.06
CA SER D 62 17.19 12.60 -45.65
C SER D 62 16.27 11.99 -44.60
N GLU D 63 16.84 11.22 -43.68
CA GLU D 63 16.07 10.70 -42.56
C GLU D 63 15.90 11.74 -41.44
N LEU D 64 16.76 12.75 -41.39
CA LEU D 64 16.59 13.81 -40.38
C LEU D 64 15.31 14.59 -40.61
N ALA D 65 15.01 14.88 -41.88
CA ALA D 65 13.78 15.59 -42.21
C ALA D 65 12.57 14.86 -41.66
N ASP D 66 12.59 13.52 -41.70
CA ASP D 66 11.53 12.72 -41.10
C ASP D 66 11.66 12.67 -39.59
N CYS D 67 12.89 12.68 -39.07
CA CYS D 67 13.12 12.58 -37.64
C CYS D 67 12.51 13.75 -36.88
N LEU D 68 12.67 14.96 -37.41
CA LEU D 68 12.20 16.16 -36.72
C LEU D 68 10.82 16.60 -37.20
N LYS D 69 9.96 15.66 -37.61
CA LYS D 69 8.68 16.03 -38.18
C LYS D 69 7.68 16.50 -37.12
N ASP D 70 7.63 15.83 -35.97
CA ASP D 70 6.62 16.16 -34.96
C ASP D 70 7.22 16.19 -33.56
N VAL D 71 8.49 16.56 -33.45
CA VAL D 71 9.18 16.51 -32.16
C VAL D 71 8.65 17.62 -31.25
N ASN D 72 8.52 17.31 -29.96
CA ASN D 72 8.16 18.31 -28.96
C ASN D 72 9.37 18.86 -28.22
N VAL D 73 10.37 18.03 -27.93
CA VAL D 73 11.60 18.47 -27.27
C VAL D 73 12.78 17.95 -28.07
N VAL D 74 13.61 18.87 -28.58
CA VAL D 74 14.81 18.53 -29.33
C VAL D 74 15.99 18.68 -28.39
N VAL D 75 16.86 17.68 -28.36
CA VAL D 75 18.10 17.70 -27.59
C VAL D 75 19.24 17.56 -28.58
N ILE D 76 20.27 18.39 -28.45
CA ILE D 76 21.37 18.37 -29.41
C ILE D 76 22.69 18.19 -28.67
N PRO D 77 23.04 16.96 -28.28
CA PRO D 77 24.37 16.72 -27.70
C PRO D 77 25.43 16.40 -28.75
N ALA D 78 25.13 16.70 -30.01
CA ALA D 78 25.99 16.29 -31.11
C ALA D 78 27.29 17.08 -31.13
N GLY D 79 28.29 16.58 -30.42
CA GLY D 79 29.60 17.22 -30.41
C GLY D 79 30.71 16.20 -30.62
N VAL D 80 31.73 16.61 -31.35
CA VAL D 80 32.88 15.75 -31.60
C VAL D 80 33.83 15.84 -30.41
N PRO D 81 34.23 14.71 -29.82
CA PRO D 81 35.14 14.76 -28.67
C PRO D 81 36.50 15.32 -29.05
N ARG D 82 37.16 15.91 -28.04
CA ARG D 82 38.47 16.50 -28.25
C ARG D 82 39.49 15.42 -28.64
N LYS D 83 40.37 15.77 -29.58
CA LYS D 83 41.39 14.86 -30.08
C LYS D 83 42.77 15.25 -29.53
N PRO D 84 43.68 14.28 -29.38
CA PRO D 84 45.01 14.57 -28.81
C PRO D 84 45.93 15.30 -29.79
N GLY D 85 45.77 16.63 -29.84
CA GLY D 85 46.58 17.45 -30.71
C GLY D 85 45.76 18.19 -31.74
N MET D 86 44.49 18.44 -31.43
CA MET D 86 43.56 19.07 -32.35
C MET D 86 43.22 20.46 -31.81
N THR D 87 43.31 21.48 -32.66
CA THR D 87 43.16 22.85 -32.21
C THR D 87 41.72 23.13 -31.77
N ARG D 88 41.61 23.82 -30.63
CA ARG D 88 40.28 24.16 -30.10
C ARG D 88 39.51 25.05 -31.06
N ASP D 89 40.20 25.88 -31.86
CA ASP D 89 39.52 26.74 -32.81
C ASP D 89 38.76 25.93 -33.85
N ASP D 90 39.46 25.01 -34.52
CA ASP D 90 38.79 24.19 -35.53
C ASP D 90 37.81 23.21 -34.89
N LEU D 91 38.06 22.79 -33.65
CA LEU D 91 37.07 22.01 -32.92
C LEU D 91 35.77 22.80 -32.77
N PHE D 92 35.88 24.08 -32.42
CA PHE D 92 34.71 24.94 -32.35
C PHE D 92 34.06 25.08 -33.72
N ASN D 93 34.86 25.23 -34.77
CA ASN D 93 34.29 25.32 -36.12
C ASN D 93 33.47 24.08 -36.45
N ILE D 94 34.00 22.89 -36.16
CA ILE D 94 33.30 21.65 -36.48
C ILE D 94 32.00 21.54 -35.67
N ASN D 95 32.10 21.75 -34.37
CA ASN D 95 30.91 21.63 -33.52
C ASN D 95 29.85 22.65 -33.91
N ALA D 96 30.27 23.88 -34.20
CA ALA D 96 29.33 24.91 -34.62
C ALA D 96 28.70 24.58 -35.96
N ASN D 97 29.46 23.93 -36.86
CA ASN D 97 28.88 23.49 -38.12
C ASN D 97 27.79 22.45 -37.88
N ILE D 98 28.04 21.48 -37.01
CA ILE D 98 27.01 20.48 -36.69
C ILE D 98 25.78 21.17 -36.10
N VAL D 99 26.00 22.08 -35.14
CA VAL D 99 24.88 22.75 -34.49
C VAL D 99 24.09 23.57 -35.50
N LYS D 100 24.78 24.29 -36.38
CA LYS D 100 24.11 25.11 -37.38
C LYS D 100 23.29 24.26 -38.34
N THR D 101 23.84 23.14 -38.80
CA THR D 101 23.10 22.27 -39.70
C THR D 101 21.87 21.70 -39.02
N LEU D 102 22.01 21.24 -37.77
CA LEU D 102 20.88 20.66 -37.07
C LEU D 102 19.81 21.70 -36.75
N VAL D 103 20.22 22.93 -36.45
CA VAL D 103 19.26 23.99 -36.16
C VAL D 103 18.53 24.40 -37.44
N GLU D 104 19.24 24.45 -38.57
CA GLU D 104 18.55 24.68 -39.84
C GLU D 104 17.53 23.59 -40.11
N ALA D 105 17.91 22.33 -39.88
CA ALA D 105 16.99 21.22 -40.10
C ALA D 105 15.75 21.33 -39.21
N VAL D 106 15.95 21.61 -37.92
CA VAL D 106 14.81 21.68 -37.02
C VAL D 106 13.94 22.89 -37.36
N ALA D 107 14.55 23.99 -37.79
CA ALA D 107 13.77 25.15 -38.22
C ALA D 107 12.90 24.83 -39.42
N GLU D 108 13.45 24.11 -40.39
CA GLU D 108 12.68 23.78 -41.59
C GLU D 108 11.71 22.61 -41.40
N ASN D 109 11.87 21.81 -40.34
CA ASN D 109 10.99 20.68 -40.10
C ASN D 109 9.91 20.99 -39.06
N CYS D 110 10.28 21.39 -37.85
CA CYS D 110 9.32 21.68 -36.79
C CYS D 110 9.91 22.72 -35.84
N PRO D 111 9.72 24.01 -36.16
CA PRO D 111 10.32 25.05 -35.31
C PRO D 111 9.61 25.24 -33.97
N ASN D 112 8.37 24.80 -33.84
CA ASN D 112 7.60 25.02 -32.61
C ASN D 112 7.89 23.88 -31.62
N ALA D 113 9.09 23.94 -31.05
CA ALA D 113 9.50 22.92 -30.09
C ALA D 113 10.61 23.49 -29.21
N PHE D 114 10.73 22.92 -28.02
CA PHE D 114 11.84 23.26 -27.13
C PHE D 114 13.15 22.79 -27.73
N ILE D 115 14.19 23.59 -27.55
CA ILE D 115 15.53 23.28 -28.05
C ILE D 115 16.50 23.28 -26.89
N HIS D 116 17.19 22.17 -26.68
CA HIS D 116 18.16 22.01 -25.60
C HIS D 116 19.52 21.78 -26.24
N ILE D 117 20.33 22.84 -26.31
CA ILE D 117 21.65 22.75 -26.91
C ILE D 117 22.64 22.25 -25.86
N ILE D 118 23.26 21.12 -26.15
CA ILE D 118 24.26 20.52 -25.26
C ILE D 118 25.66 20.67 -25.81
N SER D 119 25.80 20.64 -27.13
CA SER D 119 27.11 20.69 -27.78
C SER D 119 27.94 21.85 -27.26
N ASN D 120 29.05 21.52 -26.61
CA ASN D 120 29.87 22.54 -25.96
C ASN D 120 30.60 23.38 -27.00
N PRO D 121 30.86 24.66 -26.70
CA PRO D 121 30.38 25.40 -25.52
C PRO D 121 29.01 26.00 -25.79
N VAL D 122 28.03 25.83 -24.90
CA VAL D 122 26.72 26.40 -25.14
C VAL D 122 26.77 27.92 -25.17
N ASN D 123 27.74 28.52 -24.45
CA ASN D 123 27.90 29.96 -24.48
C ASN D 123 28.05 30.49 -25.91
N SER D 124 28.68 29.71 -26.78
CA SER D 124 28.85 30.09 -28.17
C SER D 124 27.84 29.45 -29.11
N THR D 125 27.34 28.26 -28.78
CA THR D 125 26.44 27.54 -29.69
C THR D 125 24.96 27.82 -29.44
N VAL D 126 24.60 28.53 -28.38
CA VAL D 126 23.21 28.96 -28.18
C VAL D 126 22.95 30.21 -29.02
N PRO D 127 23.82 31.24 -28.99
CA PRO D 127 23.63 32.35 -29.93
C PRO D 127 23.68 31.92 -31.38
N ILE D 128 24.49 30.90 -31.71
CA ILE D 128 24.52 30.39 -33.08
C ILE D 128 23.15 29.86 -33.47
N ALA D 129 22.53 29.08 -32.59
CA ALA D 129 21.19 28.55 -32.86
C ALA D 129 20.18 29.68 -32.99
N ALA D 130 20.27 30.68 -32.10
CA ALA D 130 19.32 31.80 -32.16
C ALA D 130 19.44 32.56 -33.46
N GLU D 131 20.67 32.84 -33.90
CA GLU D 131 20.86 33.58 -35.15
C GLU D 131 20.45 32.75 -36.36
N VAL D 132 20.70 31.44 -36.34
CA VAL D 132 20.24 30.60 -37.46
C VAL D 132 18.73 30.59 -37.52
N LEU D 133 18.06 30.52 -36.37
CA LEU D 133 16.61 30.57 -36.35
C LEU D 133 16.10 31.94 -36.82
N LYS D 134 16.82 33.00 -36.47
CA LYS D 134 16.46 34.33 -36.97
C LYS D 134 16.57 34.40 -38.48
N LYS D 135 17.65 33.86 -39.04
CA LYS D 135 17.81 33.84 -40.49
C LYS D 135 16.70 33.04 -41.16
N LYS D 136 16.35 31.89 -40.59
CA LYS D 136 15.24 31.10 -41.11
C LYS D 136 13.89 31.76 -40.88
N GLY D 137 13.81 32.74 -39.98
CA GLY D 137 12.57 33.45 -39.75
C GLY D 137 11.59 32.78 -38.82
N VAL D 138 12.03 31.76 -38.06
CA VAL D 138 11.14 31.05 -37.17
C VAL D 138 11.72 31.01 -35.76
N TYR D 139 12.49 32.04 -35.40
CA TYR D 139 13.08 32.10 -34.07
C TYR D 139 12.00 32.31 -33.02
N ASP D 140 12.00 31.47 -31.99
CA ASP D 140 11.04 31.56 -30.89
C ASP D 140 11.81 31.68 -29.58
N PRO D 141 12.07 32.89 -29.10
CA PRO D 141 12.92 33.04 -27.90
C PRO D 141 12.38 32.34 -26.67
N LYS D 142 11.07 32.13 -26.59
CA LYS D 142 10.51 31.46 -25.43
C LYS D 142 10.82 29.97 -25.42
N LYS D 143 11.10 29.38 -26.58
CA LYS D 143 11.28 27.94 -26.71
C LYS D 143 12.70 27.57 -27.16
N LEU D 144 13.70 28.23 -26.56
CA LEU D 144 15.10 27.89 -26.78
C LEU D 144 15.81 27.89 -25.44
N PHE D 145 16.54 26.81 -25.16
CA PHE D 145 17.23 26.66 -23.89
C PHE D 145 18.65 26.15 -24.12
N GLY D 146 19.55 26.54 -23.22
CA GLY D 146 20.88 25.99 -23.19
C GLY D 146 21.08 25.18 -21.94
N VAL D 147 21.24 23.87 -22.08
CA VAL D 147 21.29 22.97 -20.92
C VAL D 147 22.49 23.32 -20.06
N THR D 148 22.22 23.83 -18.85
CA THR D 148 23.25 24.20 -17.89
C THR D 148 23.11 23.41 -16.59
N THR D 149 22.15 22.48 -16.52
CA THR D 149 21.87 21.78 -15.27
C THR D 149 23.00 20.85 -14.83
N LEU D 150 23.97 20.56 -15.70
CA LEU D 150 25.12 19.76 -15.26
C LEU D 150 25.88 20.47 -14.16
N ASP D 151 26.12 21.78 -14.33
CA ASP D 151 26.82 22.52 -13.31
C ASP D 151 25.98 22.70 -12.05
N VAL D 152 24.65 22.79 -12.21
CA VAL D 152 23.78 22.85 -11.04
C VAL D 152 23.87 21.56 -10.24
N VAL D 153 23.84 20.41 -10.94
CA VAL D 153 23.94 19.12 -10.27
C VAL D 153 25.28 18.97 -9.59
N ARG D 154 26.36 19.38 -10.27
CA ARG D 154 27.68 19.34 -9.65
C ARG D 154 27.74 20.24 -8.42
N ALA D 155 27.08 21.41 -8.48
CA ALA D 155 27.07 22.31 -7.34
C ALA D 155 26.35 21.70 -6.15
N ASN D 156 25.18 21.11 -6.39
CA ASN D 156 24.46 20.41 -5.32
C ASN D 156 25.34 19.32 -4.70
N THR D 157 25.97 18.50 -5.56
CA THR D 157 26.81 17.42 -5.05
C THR D 157 27.96 17.96 -4.22
N PHE D 158 28.64 18.99 -4.72
CA PHE D 158 29.83 19.50 -4.04
C PHE D 158 29.45 20.18 -2.72
N VAL D 159 28.32 20.88 -2.70
CA VAL D 159 27.87 21.51 -1.45
C VAL D 159 27.52 20.45 -0.42
N SER D 160 26.77 19.41 -0.84
CA SER D 160 26.40 18.36 0.10
C SER D 160 27.62 17.56 0.57
N GLN D 161 28.67 17.49 -0.24
CA GLN D 161 29.89 16.83 0.20
C GLN D 161 30.68 17.72 1.15
N LYS D 162 30.74 19.02 0.87
CA LYS D 162 31.49 19.94 1.72
C LYS D 162 30.87 20.06 3.10
N LYS D 163 29.57 20.31 3.17
CA LYS D 163 28.85 20.39 4.43
C LYS D 163 27.92 19.20 4.58
N ASN D 164 27.87 18.65 5.78
CA ASN D 164 27.11 17.42 6.01
C ASN D 164 25.61 17.68 6.00
N LEU D 165 25.05 17.98 4.83
CA LEU D 165 23.62 18.14 4.68
C LEU D 165 23.00 16.89 4.07
N LYS D 166 21.67 16.93 3.93
CA LYS D 166 20.95 15.91 3.21
C LYS D 166 21.07 16.19 1.72
N LEU D 167 21.71 15.28 0.98
CA LEU D 167 22.05 15.56 -0.42
C LEU D 167 20.80 15.77 -1.26
N ILE D 168 19.75 14.97 -1.02
CA ILE D 168 18.51 15.15 -1.78
C ILE D 168 17.82 16.45 -1.37
N ASP D 169 18.23 17.06 -0.27
CA ASP D 169 17.66 18.32 0.17
C ASP D 169 18.38 19.53 -0.40
N VAL D 170 19.69 19.39 -0.69
CA VAL D 170 20.48 20.52 -1.15
C VAL D 170 20.00 20.99 -2.51
N ASP D 171 19.96 22.32 -2.69
CA ASP D 171 19.60 22.91 -3.98
C ASP D 171 20.22 24.30 -4.04
N VAL D 172 21.24 24.45 -4.89
CA VAL D 172 21.93 25.73 -5.04
C VAL D 172 21.89 26.15 -6.51
N PRO D 173 21.54 27.39 -6.81
CA PRO D 173 21.49 27.83 -8.21
C PRO D 173 22.84 28.32 -8.72
N VAL D 174 22.99 28.27 -10.03
CA VAL D 174 24.21 28.68 -10.72
C VAL D 174 23.85 29.73 -11.76
N ILE D 175 24.64 30.80 -11.83
CA ILE D 175 24.38 31.91 -12.73
C ILE D 175 25.53 31.98 -13.72
N GLY D 176 25.26 32.54 -14.89
CA GLY D 176 26.31 32.82 -15.86
C GLY D 176 26.25 32.08 -17.17
N GLY D 177 27.19 31.17 -17.38
CA GLY D 177 27.27 30.36 -18.58
C GLY D 177 27.47 28.90 -18.24
N HIS D 178 28.28 28.22 -19.07
CA HIS D 178 28.51 26.79 -18.87
C HIS D 178 29.94 26.34 -19.15
N ALA D 179 30.91 27.25 -19.18
CA ALA D 179 32.27 26.85 -19.52
C ALA D 179 33.27 27.89 -19.00
N GLY D 180 34.05 27.51 -18.01
CA GLY D 180 35.16 28.34 -17.56
C GLY D 180 34.86 29.02 -16.24
N ILE D 181 35.20 30.31 -16.14
CA ILE D 181 34.98 31.09 -14.93
C ILE D 181 33.60 31.74 -14.91
N THR D 182 32.73 31.37 -15.84
CA THR D 182 31.39 31.91 -15.90
C THR D 182 30.40 31.15 -15.01
N ILE D 183 30.86 30.13 -14.29
CA ILE D 183 29.99 29.40 -13.38
C ILE D 183 30.02 30.15 -12.05
N LEU D 184 28.89 30.74 -11.67
CA LEU D 184 28.81 31.45 -10.40
C LEU D 184 27.78 30.74 -9.52
N PRO D 185 28.23 29.90 -8.58
CA PRO D 185 27.28 29.23 -7.69
C PRO D 185 26.81 30.16 -6.58
N LEU D 186 25.49 30.32 -6.47
CA LEU D 186 24.89 31.18 -5.45
C LEU D 186 24.77 30.40 -4.14
N LEU D 187 25.93 30.12 -3.54
CA LEU D 187 25.95 29.43 -2.25
C LEU D 187 25.24 30.24 -1.18
N SER D 188 25.54 31.54 -1.11
CA SER D 188 24.87 32.41 -0.14
C SER D 188 23.37 32.47 -0.34
N LYS D 189 22.88 32.09 -1.52
CA LYS D 189 21.45 32.03 -1.80
C LYS D 189 20.96 30.61 -2.01
N THR D 190 21.67 29.62 -1.46
CA THR D 190 21.23 28.23 -1.60
C THR D 190 19.92 28.01 -0.87
N LYS D 191 19.11 27.11 -1.40
CA LYS D 191 17.77 26.88 -0.84
C LYS D 191 17.81 26.34 0.59
N PRO D 192 18.59 25.32 0.94
CA PRO D 192 18.67 24.93 2.35
C PRO D 192 19.37 25.99 3.18
N SER D 193 18.78 26.32 4.32
CA SER D 193 19.32 27.36 5.19
C SER D 193 20.65 26.90 5.78
N VAL D 194 21.74 27.57 5.38
CA VAL D 194 23.09 27.20 5.80
C VAL D 194 23.80 28.44 6.31
N ASN D 195 25.08 28.25 6.67
CA ASN D 195 25.97 29.33 7.09
C ASN D 195 27.35 28.99 6.52
N PHE D 196 27.65 29.51 5.34
CA PHE D 196 28.91 29.23 4.66
C PHE D 196 30.03 30.11 5.22
N THR D 197 31.26 29.75 4.87
CA THR D 197 32.45 30.51 5.21
C THR D 197 33.21 30.86 3.93
N ASP D 198 34.09 31.86 4.04
CA ASP D 198 34.78 32.38 2.85
C ASP D 198 35.62 31.30 2.17
N GLU D 199 36.33 30.49 2.96
CA GLU D 199 37.08 29.38 2.38
C GLU D 199 36.15 28.40 1.68
N GLU D 200 34.95 28.20 2.24
CA GLU D 200 33.97 27.34 1.58
C GLU D 200 33.53 27.91 0.24
N ILE D 201 33.29 29.23 0.18
CA ILE D 201 32.97 29.86 -1.10
C ILE D 201 34.09 29.64 -2.11
N GLN D 202 35.33 29.88 -1.68
CA GLN D 202 36.46 29.73 -2.59
C GLN D 202 36.56 28.30 -3.13
N GLU D 203 36.55 27.32 -2.23
CA GLU D 203 36.70 25.93 -2.65
C GLU D 203 35.52 25.47 -3.51
N LEU D 204 34.29 25.81 -3.11
CA LEU D 204 33.13 25.41 -3.89
C LEU D 204 33.15 26.04 -5.28
N THR D 205 33.53 27.31 -5.37
CA THR D 205 33.60 27.96 -6.68
C THR D 205 34.64 27.29 -7.56
N VAL D 206 35.86 27.10 -7.04
CA VAL D 206 36.91 26.55 -7.87
C VAL D 206 36.61 25.09 -8.23
N ARG D 207 35.84 24.39 -7.41
CA ARG D 207 35.47 23.01 -7.75
C ARG D 207 34.35 22.97 -8.79
N ILE D 208 33.31 23.79 -8.61
CA ILE D 208 32.15 23.72 -9.49
C ILE D 208 32.50 24.26 -10.87
N GLN D 209 33.26 25.35 -10.93
CA GLN D 209 33.60 25.93 -12.22
C GLN D 209 34.71 25.18 -12.95
N ASN D 210 35.35 24.21 -12.29
CA ASN D 210 36.41 23.43 -12.92
C ASN D 210 36.14 21.94 -12.80
N ALA D 211 34.92 21.51 -13.09
CA ALA D 211 34.56 20.10 -13.00
C ALA D 211 34.70 19.36 -14.32
N GLY D 212 34.43 20.02 -15.44
CA GLY D 212 34.65 19.38 -16.73
C GLY D 212 36.10 19.02 -16.96
N THR D 213 37.01 19.94 -16.64
CA THR D 213 38.43 19.63 -16.72
C THR D 213 38.82 18.53 -15.73
N GLU D 214 38.15 18.48 -14.58
CA GLU D 214 38.41 17.40 -13.63
C GLU D 214 38.04 16.04 -14.22
N VAL D 215 36.87 15.95 -14.87
CA VAL D 215 36.48 14.71 -15.52
C VAL D 215 37.45 14.37 -16.65
N VAL D 216 37.86 15.38 -17.42
CA VAL D 216 38.76 15.14 -18.55
C VAL D 216 40.09 14.59 -18.05
N ASP D 217 40.65 15.18 -16.99
CA ASP D 217 41.93 14.70 -16.46
C ASP D 217 41.77 13.35 -15.77
N ALA D 218 40.58 13.06 -15.23
CA ALA D 218 40.33 11.73 -14.68
C ALA D 218 40.30 10.68 -15.78
N LYS D 219 39.78 11.05 -16.95
CA LYS D 219 39.76 10.16 -18.11
C LYS D 219 41.04 10.21 -18.92
N ALA D 220 42.05 10.96 -18.47
CA ALA D 220 43.33 11.09 -19.15
C ALA D 220 43.16 11.60 -20.57
N GLY D 221 42.21 12.52 -20.76
CA GLY D 221 41.98 13.11 -22.07
C GLY D 221 41.17 12.28 -23.02
N ALA D 222 40.63 11.13 -22.56
CA ALA D 222 39.83 10.28 -23.44
C ALA D 222 38.56 11.00 -23.91
N GLY D 223 37.91 11.72 -23.00
CA GLY D 223 36.68 12.42 -23.35
C GLY D 223 36.17 13.22 -22.18
N SER D 224 35.02 13.85 -22.39
CA SER D 224 34.39 14.68 -21.40
C SER D 224 33.38 13.86 -20.59
N ALA D 225 32.62 14.52 -19.72
CA ALA D 225 31.62 13.83 -18.92
C ALA D 225 30.52 13.29 -19.81
N THR D 226 30.18 12.02 -19.60
CA THR D 226 29.16 11.38 -20.44
C THR D 226 27.97 10.94 -19.60
N LEU D 227 28.22 10.23 -18.50
CA LEU D 227 27.15 9.72 -17.66
C LEU D 227 26.48 10.83 -16.85
N SER D 228 27.28 11.70 -16.23
CA SER D 228 26.71 12.84 -15.51
C SER D 228 26.03 13.81 -16.47
N MET D 229 26.62 14.02 -17.64
CA MET D 229 25.98 14.88 -18.63
C MET D 229 24.65 14.31 -19.09
N ALA D 230 24.60 12.99 -19.31
CA ALA D 230 23.34 12.37 -19.69
C ALA D 230 22.30 12.47 -18.57
N TYR D 231 22.74 12.30 -17.32
CA TYR D 231 21.84 12.44 -16.18
C TYR D 231 21.25 13.85 -16.12
N ALA D 232 22.11 14.87 -16.25
CA ALA D 232 21.64 16.25 -16.20
C ALA D 232 20.74 16.58 -17.37
N ALA D 233 21.08 16.10 -18.57
CA ALA D 233 20.25 16.36 -19.73
C ALA D 233 18.88 15.69 -19.59
N ALA D 234 18.84 14.48 -19.04
CA ALA D 234 17.56 13.83 -18.78
C ALA D 234 16.76 14.59 -17.73
N ARG D 235 17.45 15.14 -16.73
CA ARG D 235 16.77 15.98 -15.74
C ARG D 235 16.10 17.18 -16.41
N PHE D 236 16.84 17.88 -17.27
CA PHE D 236 16.26 19.03 -17.94
C PHE D 236 15.15 18.62 -18.89
N VAL D 237 15.29 17.47 -19.55
CA VAL D 237 14.27 17.01 -20.49
C VAL D 237 12.98 16.67 -19.75
N GLU D 238 13.08 15.98 -18.62
CA GLU D 238 11.87 15.68 -17.86
C GLU D 238 11.25 16.94 -17.29
N SER D 239 12.07 17.93 -16.91
CA SER D 239 11.52 19.22 -16.48
C SER D 239 10.74 19.88 -17.62
N SER D 240 11.31 19.87 -18.82
CA SER D 240 10.61 20.46 -19.96
C SER D 240 9.33 19.71 -20.29
N LEU D 241 9.34 18.39 -20.16
CA LEU D 241 8.13 17.61 -20.40
C LEU D 241 7.07 17.91 -19.36
N ARG D 242 7.47 18.06 -18.10
CA ARG D 242 6.54 18.47 -17.06
C ARG D 242 5.94 19.84 -17.37
N ALA D 243 6.78 20.77 -17.82
CA ALA D 243 6.29 22.08 -18.21
C ALA D 243 5.28 21.98 -19.35
N LEU D 244 5.57 21.13 -20.34
CA LEU D 244 4.63 20.88 -21.42
C LEU D 244 3.34 20.25 -20.92
N ASP D 245 3.39 19.52 -19.81
CA ASP D 245 2.20 18.89 -19.25
C ASP D 245 1.38 19.83 -18.38
N GLY D 246 1.80 21.07 -18.22
CA GLY D 246 1.08 22.04 -17.43
C GLY D 246 1.55 22.21 -16.00
N ASP D 247 2.70 21.66 -15.64
CA ASP D 247 3.24 21.84 -14.30
C ASP D 247 3.56 23.32 -14.07
N GLY D 248 3.19 23.81 -12.89
CA GLY D 248 3.40 25.19 -12.52
C GLY D 248 4.59 25.45 -11.62
N ASP D 249 5.46 24.47 -11.42
CA ASP D 249 6.62 24.63 -10.53
C ASP D 249 7.87 24.09 -11.21
N VAL D 250 8.06 24.44 -12.48
CA VAL D 250 9.25 24.04 -13.24
C VAL D 250 10.20 25.22 -13.20
N TYR D 251 11.07 25.22 -12.21
CA TYR D 251 12.06 26.29 -12.01
C TYR D 251 13.43 25.71 -12.30
N GLU D 252 13.93 25.95 -13.50
CA GLU D 252 15.16 25.32 -13.98
C GLU D 252 16.21 26.37 -14.30
N CYS D 253 17.45 26.10 -13.90
CA CYS D 253 18.56 27.01 -14.19
C CYS D 253 19.02 26.75 -15.62
N SER D 254 18.56 27.57 -16.56
CA SER D 254 18.81 27.37 -17.97
C SER D 254 19.48 28.59 -18.57
N PHE D 255 20.24 28.35 -19.64
CA PHE D 255 20.93 29.41 -20.38
C PHE D 255 20.03 29.82 -21.54
N VAL D 256 19.32 30.94 -21.37
CA VAL D 256 18.31 31.38 -22.32
C VAL D 256 18.54 32.84 -22.64
N GLU D 257 17.86 33.32 -23.68
CA GLU D 257 17.86 34.74 -24.01
C GLU D 257 17.00 35.48 -23.00
N SER D 258 17.59 36.42 -22.29
CA SER D 258 16.90 37.14 -21.22
C SER D 258 17.13 38.64 -21.37
N THR D 259 16.12 39.41 -20.97
CA THR D 259 16.18 40.87 -21.01
C THR D 259 16.54 41.46 -19.66
N LEU D 260 17.03 40.65 -18.72
CA LEU D 260 17.40 41.12 -17.39
C LEU D 260 18.76 41.79 -17.35
N THR D 261 19.53 41.73 -18.43
CA THR D 261 20.88 42.29 -18.45
C THR D 261 21.24 42.67 -19.88
N ASP D 262 22.37 43.37 -20.01
CA ASP D 262 22.84 43.79 -21.32
C ASP D 262 23.19 42.60 -22.21
N LEU D 263 23.62 41.50 -21.62
CA LEU D 263 23.98 40.32 -22.39
C LEU D 263 22.73 39.75 -23.07
N PRO D 264 22.80 39.43 -24.37
CA PRO D 264 21.63 38.82 -25.02
C PRO D 264 21.22 37.49 -24.41
N PHE D 265 22.17 36.71 -23.90
CA PHE D 265 21.89 35.40 -23.33
C PHE D 265 22.52 35.29 -21.95
N PHE D 266 21.80 34.68 -21.03
CA PHE D 266 22.24 34.53 -19.66
C PHE D 266 21.67 33.23 -19.11
N ALA D 267 22.40 32.62 -18.18
CA ALA D 267 21.97 31.36 -17.56
C ALA D 267 21.44 31.68 -16.17
N SER D 268 20.13 31.59 -16.01
CA SER D 268 19.47 31.94 -14.76
C SER D 268 18.34 30.95 -14.48
N ARG D 269 17.83 31.00 -13.26
CA ARG D 269 16.64 30.24 -12.91
C ARG D 269 15.44 30.83 -13.65
N VAL D 270 14.74 29.98 -14.40
CA VAL D 270 13.63 30.41 -15.23
C VAL D 270 12.43 29.52 -14.96
N LYS D 271 11.24 30.06 -15.20
CA LYS D 271 10.00 29.30 -15.08
C LYS D 271 9.58 28.85 -16.47
N ILE D 272 9.31 27.56 -16.63
CA ILE D 272 9.00 26.97 -17.91
C ILE D 272 7.54 26.55 -17.92
N GLY D 273 6.80 26.98 -18.93
CA GLY D 273 5.43 26.60 -19.11
C GLY D 273 5.19 25.98 -20.47
N LYS D 274 3.92 25.74 -20.82
CA LYS D 274 3.60 25.11 -22.09
C LYS D 274 4.08 25.93 -23.28
N ASN D 275 4.20 27.24 -23.11
CA ASN D 275 4.67 28.13 -24.17
C ASN D 275 6.17 28.37 -24.12
N GLY D 276 6.88 27.76 -23.17
CA GLY D 276 8.32 27.92 -23.08
C GLY D 276 8.76 28.78 -21.92
N LEU D 277 9.49 29.86 -22.21
CA LEU D 277 10.02 30.74 -21.18
C LEU D 277 8.87 31.57 -20.62
N GLU D 278 8.15 30.98 -19.65
CA GLU D 278 6.97 31.64 -19.12
C GLU D 278 7.34 32.93 -18.39
N ALA D 279 8.41 32.89 -17.60
CA ALA D 279 8.90 34.06 -16.90
C ALA D 279 10.35 33.86 -16.53
N VAL D 280 11.03 34.96 -16.23
CA VAL D 280 12.42 34.95 -15.78
C VAL D 280 12.48 35.61 -14.41
N ILE D 281 13.04 34.89 -13.44
CA ILE D 281 13.15 35.40 -12.08
C ILE D 281 14.26 36.44 -12.02
N GLU D 282 13.94 37.62 -11.47
CA GLU D 282 14.94 38.68 -11.34
C GLU D 282 15.68 38.61 -10.01
N SER D 283 15.06 38.05 -8.98
CA SER D 283 15.66 38.03 -7.65
C SER D 283 16.97 37.27 -7.60
N ASP D 284 17.26 36.42 -8.60
CA ASP D 284 18.54 35.73 -8.65
C ASP D 284 19.70 36.73 -8.72
N LEU D 285 19.44 37.94 -9.23
CA LEU D 285 20.44 38.99 -9.28
C LEU D 285 20.20 40.07 -8.23
N GLN D 286 19.44 39.75 -7.19
CA GLN D 286 19.18 40.67 -6.09
C GLN D 286 19.61 40.02 -4.78
N GLY D 287 20.41 40.73 -4.00
CA GLY D 287 20.91 40.21 -2.74
C GLY D 287 22.28 39.57 -2.80
N LEU D 288 23.00 39.72 -3.90
CA LEU D 288 24.32 39.14 -4.04
C LEU D 288 25.34 39.93 -3.22
N THR D 289 26.43 39.27 -2.83
CA THR D 289 27.50 39.92 -2.11
C THR D 289 28.57 40.41 -3.07
N GLU D 290 29.60 41.07 -2.53
CA GLU D 290 30.63 41.64 -3.39
C GLU D 290 31.43 40.58 -4.13
N TYR D 291 31.54 39.37 -3.57
CA TYR D 291 32.19 38.28 -4.28
C TYR D 291 31.43 37.95 -5.56
N GLU D 292 30.11 37.75 -5.44
CA GLU D 292 29.28 37.54 -6.62
C GLU D 292 29.33 38.73 -7.55
N GLN D 293 29.48 39.95 -7.02
CA GLN D 293 29.50 41.13 -7.88
C GLN D 293 30.76 41.16 -8.75
N LYS D 294 31.92 40.96 -8.14
CA LYS D 294 33.16 40.97 -8.93
C LYS D 294 33.20 39.79 -9.91
N ALA D 295 32.83 38.61 -9.43
CA ALA D 295 32.82 37.45 -10.33
C ALA D 295 31.78 37.63 -11.43
N LEU D 296 30.70 38.38 -11.16
CA LEU D 296 29.70 38.67 -12.18
C LEU D 296 30.22 39.67 -13.20
N GLU D 297 31.06 40.62 -12.77
CA GLU D 297 31.71 41.51 -13.73
C GLU D 297 32.58 40.71 -14.69
N ALA D 298 33.45 39.86 -14.13
CA ALA D 298 34.31 39.04 -14.99
C ALA D 298 33.48 38.11 -15.87
N LEU D 299 32.41 37.56 -15.31
CA LEU D 299 31.48 36.70 -16.05
C LEU D 299 30.81 37.45 -17.18
N LYS D 300 30.41 38.69 -16.94
CA LYS D 300 29.81 39.51 -17.99
C LYS D 300 30.80 39.72 -19.14
N VAL D 301 32.06 40.01 -18.80
CA VAL D 301 33.06 40.18 -19.85
C VAL D 301 33.21 38.89 -20.67
N GLU D 302 33.31 37.76 -19.98
CA GLU D 302 33.53 36.49 -20.67
C GLU D 302 32.34 36.12 -21.55
N LEU D 303 31.11 36.32 -21.04
CA LEU D 303 29.93 36.04 -21.84
C LEU D 303 29.82 36.97 -23.04
N LYS D 304 30.18 38.24 -22.86
CA LYS D 304 30.18 39.14 -24.01
C LYS D 304 31.13 38.65 -25.08
N ALA D 305 32.34 38.23 -24.70
CA ALA D 305 33.30 37.71 -25.66
C ALA D 305 32.77 36.46 -26.35
N SER D 306 32.20 35.52 -25.58
CA SER D 306 31.74 34.27 -26.15
C SER D 306 30.55 34.47 -27.08
N ILE D 307 29.60 35.33 -26.69
CA ILE D 307 28.44 35.60 -27.54
C ILE D 307 28.89 36.32 -28.81
N ASP D 308 29.88 37.21 -28.70
CA ASP D 308 30.40 37.87 -29.90
C ASP D 308 31.07 36.86 -30.84
N LYS D 309 31.81 35.90 -30.29
CA LYS D 309 32.40 34.85 -31.12
C LYS D 309 31.34 34.02 -31.81
N GLY D 310 30.29 33.64 -31.07
CA GLY D 310 29.21 32.89 -31.67
C GLY D 310 28.49 33.67 -32.75
N VAL D 311 28.29 34.97 -32.54
CA VAL D 311 27.67 35.83 -33.56
C VAL D 311 28.55 35.89 -34.79
N ALA D 312 29.87 36.03 -34.60
CA ALA D 312 30.78 36.09 -35.73
C ALA D 312 30.74 34.80 -36.55
N PHE D 313 30.67 33.65 -35.87
CA PHE D 313 30.56 32.39 -36.61
C PHE D 313 29.23 32.28 -37.33
N ALA D 314 28.13 32.59 -36.65
CA ALA D 314 26.81 32.38 -37.23
C ALA D 314 26.57 33.29 -38.43
N ASN D 315 27.00 34.55 -38.34
CA ASN D 315 26.83 35.49 -39.43
C ASN D 315 28.17 36.02 -39.92
#